data_7UIH
#
_entry.id   7UIH
#
_cell.length_a   1.00
_cell.length_b   1.00
_cell.length_c   1.00
_cell.angle_alpha   90.00
_cell.angle_beta   90.00
_cell.angle_gamma   90.00
#
_symmetry.space_group_name_H-M   'P 1'
#
loop_
_entity.id
_entity.type
_entity.pdbx_description
1 polymer '26S proteasome non-ATPase regulatory subunit 2'
2 polymer 'Fab 14 LC CDRs'
3 polymer 'Fab 14 HC CDRs'
4 polymer 'Fab 8 LC CDRs'
5 polymer 'Fab 8 HC CDRs'
#
loop_
_entity_poly.entity_id
_entity_poly.type
_entity_poly.pdbx_seq_one_letter_code
_entity_poly.pdbx_strand_id
1 'polypeptide(L)'
;SRFPEALRLALMLNDMELVEDIFTSCKDVVVQKQMAFMLGRHGVFLELSEDVEEYEDLTEIMSNVQLNSNFLALARELDI
MEPKVPDDIYKTHLENNRFGGSGSQVDSARMNLASSFVNGFVNAAFGQDKLLTDDGNKWLYKNKDHGMLSAAASLGMILL
WDVDGGLTQIDKYLYSSEDYIKSGALLACGIVNSGVRNECDPALALLSDFVLHNSNTMRLGSIFGLGLAYAGSNREDVLT
LLLPVMGDSKSSMEVAGVTALACGMIAVGSCNGDVTSTILQTIMEKSETELKDTYARWLPLGLGLNHLGKGEAIEAILAA
LEVVSEPFRSFANTLVDVCAYAGSGNVLKVQQLLHICSEHFDSKEKEEDKDKKEKKDKDKKEAPADMGAHQGVAVLGIAL
IAMGEEIGAEMALRTFGHLLRYGEPTLRRAVPLALALISVSNPRLNILDTLSKFSHDADPEVSYNSIFAMGMVGSGTNNA
RLAAMLRQLAQYHAKDPNNLFMVRLAQGLTHLGKGTLTLCPYHSDRQLMSQVAVAGLLTVLVSFLDVRNIILGKSHYVLY
GLVAAMQPRMLVTFDEELRPLPVSVRVGQAVDVVGQAGKPKTITGFQTHTTPVLLAHGERAELATEEFLPVTPILEGFVI
LRKN
;
A
2 'polypeptide(L)'
;SDIQMTQSPSSLSASVGDRVTITCRASQSVSSAVAWYQQKPGKAPKLLIYSASSLYSGVPSRFSGSRSGTDFTLTISSLQ
PEDFATYYCQQYYSYYYPVTFGQGTKVEIKRTVAAPSVFIFPPSDEQLKSGTASVVCLLNNFYPREAKVQWKVDNALQSG
NSQESVTEQDSKDSTYSLSSTLTLSKADYEKHKVYACEVTHQGLSSPVTKSFNRGEC
;
C
3 'polypeptide(L)'
;EISEVQLVESGGGLVQPGGSLRLSCAASGFNVYYYSIHWVRQAPGKGLEWVASIYPYYSYTSYADSVKGRFTISADTSKN
TAYLQMNSLRAEDTAVYYCARYQSSSYGYGLDYWGQGTLVTVSSASTKGPSVFPLAPSSKSTSGGTAALGCLVKDYFPEP
VTVSWNSGALTSGVHTFPAVLQSSGLYSLSSVVTVPSSSLGTQTYICNVNHKPSNTKVDKKVEPKSCDKTH
;
D
4 'polypeptide(L)'
;SDIQMTQSPSSLSASVGDRVTITCRASQSVSSAVAWYQQKPGKAPKLLIYSASSLYSGVPSRFSGSRSGTDFTLTISSLQ
PEDFATYYCQQYYYSSSLVTFGQGTKVEIKRTVAAPSVFIFPPSDEQLKSGTASVVCLLNNFYPREAKVQWKVDNALQSG
NSQESVTEQDSKDSTYSLSSTLTLSKADYEKHKVYACEVTHQGLSSPVTKSFNRGEC
;
E
5 'polypeptide(L)'
;EISEVQLVESGGGLVQPGGSLRLSCAASGFNFSSYSMHWVRQAPGKGLEWVAYIYPYSSYTYYADSVKGRFTISADTSKN
TAYLQMNSLRAEDTAVYYCARKYQWRGALDYWGQGTLVTVSSASTKGPSVFPLAPSSKSTSGGTAALGCLVKDYFPEPVT
VSWNSGALTSGVHTFPAVLQSSGLYSLSSVVTVPSSSLGTQTYICNVNHKPSNTKVDKKVEPKSCDKTH
;
F
#
# COMPACT_ATOMS: atom_id res chain seq x y z
N ARG A 2 15.38 -24.87 -20.13
CA ARG A 2 15.35 -23.43 -19.96
C ARG A 2 14.31 -23.13 -18.89
N PHE A 3 14.72 -23.43 -17.66
CA PHE A 3 13.81 -23.42 -16.52
C PHE A 3 13.22 -22.06 -16.16
N PRO A 4 13.96 -20.95 -16.19
CA PRO A 4 13.42 -19.70 -15.60
C PRO A 4 12.09 -19.24 -16.19
N GLU A 5 11.85 -19.42 -17.49
CA GLU A 5 10.60 -18.95 -18.08
C GLU A 5 9.41 -19.63 -17.42
N ALA A 6 9.53 -20.94 -17.24
CA ALA A 6 8.42 -21.74 -16.74
C ALA A 6 7.88 -21.19 -15.43
N LEU A 7 8.77 -20.77 -14.52
CA LEU A 7 8.29 -20.33 -13.23
C LEU A 7 7.56 -18.99 -13.35
N ARG A 8 7.90 -18.19 -14.37
CA ARG A 8 7.14 -16.96 -14.60
C ARG A 8 5.74 -17.34 -15.03
N LEU A 9 5.64 -18.24 -16.02
CA LEU A 9 4.32 -18.57 -16.54
C LEU A 9 3.47 -19.17 -15.42
N ALA A 10 4.06 -20.07 -14.64
CA ALA A 10 3.33 -20.71 -13.55
C ALA A 10 2.87 -19.67 -12.53
N LEU A 11 3.73 -18.70 -12.20
CA LEU A 11 3.32 -17.70 -11.23
C LEU A 11 2.17 -16.87 -11.78
N MET A 12 2.15 -16.65 -13.10
CA MET A 12 1.01 -15.96 -13.69
C MET A 12 -0.25 -16.78 -13.48
N LEU A 13 -0.16 -18.10 -13.73
CA LEU A 13 -1.31 -18.97 -13.49
C LEU A 13 -1.76 -18.98 -12.02
N ASN A 14 -1.01 -18.36 -11.11
CA ASN A 14 -1.41 -18.21 -9.71
C ASN A 14 -1.66 -19.56 -9.03
N ASP A 15 -1.02 -20.64 -9.50
CA ASP A 15 -1.24 -21.97 -8.95
C ASP A 15 -0.06 -22.38 -8.07
N MET A 16 -0.34 -22.69 -6.80
CA MET A 16 0.71 -23.06 -5.86
C MET A 16 1.42 -24.34 -6.32
N GLU A 17 0.63 -25.34 -6.73
CA GLU A 17 1.20 -26.64 -7.06
C GLU A 17 2.23 -26.51 -8.17
N LEU A 18 1.94 -25.71 -9.20
CA LEU A 18 2.89 -25.55 -10.29
C LEU A 18 4.15 -24.87 -9.79
N VAL A 19 3.99 -23.88 -8.90
CA VAL A 19 5.14 -23.13 -8.42
C VAL A 19 6.09 -24.07 -7.68
N GLU A 20 5.55 -24.89 -6.78
CA GLU A 20 6.44 -25.79 -6.05
C GLU A 20 6.93 -26.92 -6.94
N ASP A 21 6.14 -27.31 -7.94
CA ASP A 21 6.55 -28.39 -8.82
C ASP A 21 7.78 -28.00 -9.61
N ILE A 22 7.78 -26.78 -10.16
CA ILE A 22 8.88 -26.34 -11.01
C ILE A 22 10.03 -25.72 -10.20
N PHE A 23 9.77 -25.29 -8.96
CA PHE A 23 10.83 -24.70 -8.16
C PHE A 23 11.79 -25.76 -7.65
N THR A 24 11.37 -27.02 -7.67
CA THR A 24 12.19 -28.20 -7.49
C THR A 24 12.33 -28.84 -8.89
N SER A 25 12.63 -30.13 -8.96
CA SER A 25 12.72 -30.79 -10.26
C SER A 25 13.72 -30.07 -11.15
N CYS A 26 14.83 -29.66 -10.53
CA CYS A 26 15.88 -28.89 -11.18
C CYS A 26 17.22 -29.47 -10.72
N LYS A 27 18.17 -29.52 -11.65
CA LYS A 27 19.49 -30.08 -11.39
C LYS A 27 20.57 -29.02 -11.20
N ASP A 28 20.19 -27.75 -11.07
CA ASP A 28 21.13 -26.68 -10.83
C ASP A 28 20.74 -25.95 -9.55
N VAL A 29 21.73 -25.30 -8.93
CA VAL A 29 21.50 -24.55 -7.70
C VAL A 29 21.36 -23.05 -7.96
N VAL A 30 22.22 -22.48 -8.80
CA VAL A 30 22.17 -21.03 -9.01
C VAL A 30 20.87 -20.65 -9.70
N VAL A 31 20.32 -21.54 -10.52
CA VAL A 31 18.99 -21.31 -11.10
C VAL A 31 17.95 -21.26 -9.98
N GLN A 32 18.09 -22.15 -8.99
CA GLN A 32 17.19 -22.11 -7.85
C GLN A 32 17.34 -20.82 -7.06
N LYS A 33 18.56 -20.30 -6.93
CA LYS A 33 18.73 -18.99 -6.28
C LYS A 33 18.04 -17.89 -7.07
N GLN A 34 18.10 -17.94 -8.40
CA GLN A 34 17.42 -16.94 -9.20
C GLN A 34 15.91 -17.05 -9.01
N MET A 35 15.37 -18.26 -9.05
CA MET A 35 13.95 -18.46 -8.82
C MET A 35 13.54 -18.02 -7.41
N ALA A 36 14.43 -18.23 -6.43
CA ALA A 36 14.16 -17.75 -5.08
C ALA A 36 14.09 -16.23 -5.04
N PHE A 37 14.96 -15.56 -5.77
CA PHE A 37 14.85 -14.10 -5.87
C PHE A 37 13.53 -13.68 -6.51
N MET A 38 13.11 -14.41 -7.54
CA MET A 38 11.83 -14.08 -8.17
C MET A 38 10.68 -14.26 -7.20
N LEU A 39 10.65 -15.40 -6.49
CA LEU A 39 9.58 -15.63 -5.51
C LEU A 39 9.60 -14.58 -4.41
N GLY A 40 10.79 -14.22 -3.93
CA GLY A 40 10.88 -13.19 -2.91
C GLY A 40 10.32 -11.87 -3.39
N ARG A 41 10.60 -11.53 -4.64
CA ARG A 41 10.03 -10.31 -5.21
C ARG A 41 8.51 -10.41 -5.29
N HIS A 42 7.99 -11.59 -5.64
CA HIS A 42 6.56 -11.80 -5.75
C HIS A 42 5.86 -12.00 -4.42
N GLY A 43 6.61 -12.14 -3.32
CA GLY A 43 5.99 -12.33 -2.02
C GLY A 43 5.45 -13.71 -1.76
N VAL A 44 5.95 -14.73 -2.46
CA VAL A 44 5.60 -16.12 -2.21
C VAL A 44 6.72 -16.77 -1.43
N PHE A 45 6.38 -17.39 -0.29
CA PHE A 45 7.30 -18.19 0.49
C PHE A 45 6.80 -19.62 0.50
N LEU A 46 7.64 -20.55 0.03
CA LEU A 46 7.32 -21.97 -0.01
C LEU A 46 8.24 -22.72 0.94
N GLU A 47 7.65 -23.62 1.74
CA GLU A 47 8.38 -24.39 2.73
C GLU A 47 9.14 -25.52 2.06
N LEU A 48 10.42 -25.66 2.40
CA LEU A 48 11.29 -26.69 1.84
C LEU A 48 11.77 -27.62 2.93
N SER A 49 11.99 -28.88 2.56
CA SER A 49 12.59 -29.85 3.48
C SER A 49 14.05 -29.50 3.73
N GLU A 50 14.49 -29.67 4.98
CA GLU A 50 15.84 -29.28 5.36
C GLU A 50 16.90 -30.16 4.73
N ASP A 51 16.52 -31.23 4.05
CA ASP A 51 17.46 -32.10 3.35
C ASP A 51 17.68 -31.71 1.89
N VAL A 52 17.05 -30.65 1.40
CA VAL A 52 17.40 -30.17 0.06
C VAL A 52 18.83 -29.63 0.06
N GLU A 53 19.42 -29.61 -1.13
CA GLU A 53 20.88 -29.47 -1.24
C GLU A 53 21.39 -28.18 -0.61
N GLU A 54 20.64 -27.08 -0.75
CA GLU A 54 21.09 -25.79 -0.26
C GLU A 54 19.95 -25.06 0.47
N TYR A 55 19.20 -25.80 1.29
CA TYR A 55 18.08 -25.23 2.04
C TYR A 55 18.39 -23.87 2.66
N GLU A 56 19.56 -23.74 3.29
CA GLU A 56 19.86 -22.53 4.05
C GLU A 56 19.86 -21.29 3.16
N ASP A 57 20.47 -21.37 1.98
CA ASP A 57 20.58 -20.15 1.17
C ASP A 57 19.30 -19.85 0.43
N LEU A 58 18.60 -20.88 -0.06
CA LEU A 58 17.32 -20.62 -0.72
C LEU A 58 16.32 -20.02 0.25
N THR A 59 16.29 -20.53 1.49
CA THR A 59 15.45 -19.93 2.51
C THR A 59 15.88 -18.50 2.82
N GLU A 60 17.19 -18.26 2.93
CA GLU A 60 17.67 -16.92 3.25
C GLU A 60 17.30 -15.92 2.16
N ILE A 61 17.33 -16.37 0.90
CA ILE A 61 16.93 -15.51 -0.21
C ILE A 61 15.43 -15.24 -0.17
N MET A 62 14.62 -16.29 0.00
CA MET A 62 13.18 -16.10 -0.05
C MET A 62 12.68 -15.11 0.98
N SER A 63 13.36 -15.01 2.13
CA SER A 63 12.93 -14.12 3.19
C SER A 63 13.49 -12.70 3.08
N ASN A 64 14.12 -12.36 1.97
CA ASN A 64 14.57 -10.99 1.72
C ASN A 64 15.46 -10.45 2.83
N VAL A 65 16.23 -11.33 3.49
CA VAL A 65 17.04 -10.89 4.62
C VAL A 65 18.10 -9.89 4.16
N GLN A 66 18.68 -10.11 2.98
CA GLN A 66 19.75 -9.26 2.47
C GLN A 66 19.23 -8.03 1.74
N LEU A 67 17.90 -7.90 1.58
CA LEU A 67 17.36 -6.78 0.82
C LEU A 67 17.83 -5.44 1.40
N ASN A 68 17.77 -5.32 2.72
CA ASN A 68 18.17 -4.08 3.37
C ASN A 68 19.61 -3.72 3.06
N SER A 69 20.51 -4.69 3.13
CA SER A 69 21.92 -4.40 2.92
C SER A 69 22.20 -3.96 1.49
N ASN A 70 21.58 -4.60 0.49
CA ASN A 70 21.79 -4.16 -0.88
C ASN A 70 21.16 -2.81 -1.14
N PHE A 71 20.01 -2.55 -0.52
CA PHE A 71 19.37 -1.25 -0.68
C PHE A 71 20.24 -0.14 -0.11
N LEU A 72 20.79 -0.37 1.09
CA LEU A 72 21.68 0.62 1.67
C LEU A 72 22.99 0.75 0.90
N ALA A 73 23.44 -0.33 0.27
CA ALA A 73 24.61 -0.24 -0.59
C ALA A 73 24.35 0.71 -1.76
N LEU A 74 23.22 0.53 -2.44
CA LEU A 74 22.87 1.47 -3.51
C LEU A 74 22.70 2.89 -2.96
N ALA A 75 22.16 3.01 -1.75
CA ALA A 75 22.06 4.34 -1.15
C ALA A 75 23.43 4.95 -0.91
N ARG A 76 24.44 4.12 -0.70
CA ARG A 76 25.81 4.61 -0.58
C ARG A 76 26.41 4.97 -1.92
N GLU A 77 26.04 4.24 -2.98
CA GLU A 77 26.50 4.60 -4.32
C GLU A 77 25.97 5.96 -4.75
N LEU A 78 24.72 6.26 -4.45
CA LEU A 78 24.14 7.54 -4.85
C LEU A 78 24.54 8.71 -3.94
N ASP A 79 25.11 8.43 -2.77
CA ASP A 79 25.49 9.49 -1.82
C ASP A 79 24.25 10.29 -1.39
N ILE A 80 23.20 9.58 -1.00
CA ILE A 80 21.91 10.18 -0.65
C ILE A 80 21.50 9.82 0.78
N MET A 81 22.46 9.43 1.62
CA MET A 81 22.15 9.03 2.99
C MET A 81 21.72 10.20 3.87
N GLU A 82 21.97 11.43 3.45
CA GLU A 82 21.64 12.57 4.29
C GLU A 82 20.13 12.66 4.49
N PRO A 83 19.64 12.86 5.72
CA PRO A 83 18.20 13.04 5.93
C PRO A 83 17.67 14.33 5.33
N LYS A 84 16.41 14.28 4.91
CA LYS A 84 15.71 15.43 4.34
C LYS A 84 14.55 15.80 5.26
N VAL A 85 14.70 16.92 5.98
CA VAL A 85 13.64 17.39 6.88
C VAL A 85 12.44 17.82 6.03
N PRO A 86 11.24 17.86 6.59
CA PRO A 86 10.07 18.19 5.75
C PRO A 86 10.18 19.55 5.09
N ASP A 87 10.78 20.53 5.76
CA ASP A 87 10.88 21.87 5.20
C ASP A 87 11.74 21.91 3.96
N ASP A 88 12.66 20.95 3.79
CA ASP A 88 13.45 20.90 2.56
C ASP A 88 12.56 20.65 1.35
N ILE A 89 11.52 19.83 1.52
CA ILE A 89 10.62 19.53 0.40
C ILE A 89 9.75 20.73 0.08
N TYR A 90 9.33 21.47 1.10
CA TYR A 90 8.49 22.64 0.90
C TYR A 90 9.26 23.73 0.15
N SER A 108 -0.30 24.32 14.06
CA SER A 108 -1.48 23.52 14.38
C SER A 108 -1.16 22.03 14.38
N ALA A 109 -2.01 21.25 15.04
CA ALA A 109 -1.81 19.82 15.09
C ALA A 109 -1.83 19.19 13.70
N ARG A 110 -2.73 19.67 12.83
CA ARG A 110 -2.88 19.06 11.52
C ARG A 110 -1.64 19.25 10.64
N MET A 111 -0.84 20.28 10.91
CA MET A 111 0.36 20.46 10.11
C MET A 111 1.53 19.72 10.72
N ASN A 112 1.48 19.48 12.03
CA ASN A 112 2.49 18.63 12.64
C ASN A 112 2.32 17.22 12.11
N LEU A 113 1.07 16.75 12.06
CA LEU A 113 0.80 15.42 11.55
C LEU A 113 1.18 15.33 10.07
N ALA A 114 0.87 16.38 9.29
CA ALA A 114 1.24 16.38 7.88
C ALA A 114 2.75 16.31 7.72
N SER A 115 3.49 16.99 8.60
CA SER A 115 4.95 16.97 8.52
C SER A 115 5.48 15.58 8.90
N SER A 116 4.91 14.99 9.95
CA SER A 116 5.31 13.63 10.32
C SER A 116 5.15 12.69 9.14
N PHE A 117 4.02 12.78 8.42
CA PHE A 117 3.82 11.91 7.27
C PHE A 117 4.83 12.20 6.16
N VAL A 118 5.11 13.48 5.87
CA VAL A 118 6.11 13.80 4.87
C VAL A 118 7.46 13.19 5.24
N ASN A 119 7.87 13.40 6.50
CA ASN A 119 9.15 12.87 6.94
C ASN A 119 9.21 11.36 6.80
N GLY A 120 8.13 10.66 7.17
CA GLY A 120 8.12 9.22 7.02
C GLY A 120 8.20 8.77 5.57
N PHE A 121 7.45 9.42 4.68
CA PHE A 121 7.50 9.03 3.27
C PHE A 121 8.87 9.27 2.65
N VAL A 122 9.48 10.43 2.94
CA VAL A 122 10.71 10.78 2.25
C VAL A 122 11.86 9.90 2.71
N ASN A 123 11.96 9.63 4.01
CA ASN A 123 13.07 8.88 4.57
C ASN A 123 12.81 7.38 4.63
N ALA A 124 11.77 6.91 3.95
CA ALA A 124 11.44 5.48 3.98
C ALA A 124 12.58 4.63 3.45
N ALA A 125 12.93 3.59 4.21
CA ALA A 125 13.93 2.56 3.91
C ALA A 125 15.36 2.99 4.22
N PHE A 126 15.59 4.24 4.62
CA PHE A 126 16.87 4.66 5.20
C PHE A 126 16.68 4.89 6.69
N GLY A 127 17.41 4.14 7.51
CA GLY A 127 17.17 4.20 8.94
C GLY A 127 17.88 5.41 9.52
N GLN A 128 17.44 6.59 9.12
CA GLN A 128 18.01 7.85 9.58
C GLN A 128 16.90 8.88 9.61
N ASP A 129 17.03 9.86 10.50
CA ASP A 129 15.99 10.86 10.64
C ASP A 129 16.52 11.99 11.51
N LYS A 130 16.01 13.20 11.25
CA LYS A 130 16.32 14.37 12.07
C LYS A 130 15.18 14.77 13.00
N LEU A 131 14.03 14.10 12.93
CA LEU A 131 12.92 14.36 13.84
C LEU A 131 12.86 13.32 14.96
N LEU A 132 12.77 12.04 14.59
CA LEU A 132 12.81 10.94 15.54
C LEU A 132 14.27 10.61 15.80
N THR A 133 14.89 11.42 16.66
CA THR A 133 16.31 11.36 16.96
C THR A 133 16.48 10.29 18.02
N ASP A 134 17.56 10.32 18.80
CA ASP A 134 17.68 9.38 19.92
C ASP A 134 16.51 9.53 20.87
N ASP A 135 16.09 10.76 21.16
CA ASP A 135 14.89 11.02 21.95
C ASP A 135 13.82 11.58 21.02
N GLY A 136 12.76 10.81 20.81
CA GLY A 136 11.64 11.22 20.00
C GLY A 136 10.49 11.85 20.74
N ASN A 137 10.53 11.89 22.07
CA ASN A 137 9.43 12.49 22.83
C ASN A 137 9.23 13.94 22.44
N LYS A 138 10.32 14.66 22.17
CA LYS A 138 10.22 16.06 21.79
C LYS A 138 9.34 16.26 20.56
N TRP A 139 9.36 15.32 19.62
CA TRP A 139 8.46 15.40 18.48
C TRP A 139 7.08 14.81 18.79
N LEU A 140 7.04 13.67 19.47
CA LEU A 140 5.76 13.00 19.70
C LEU A 140 4.81 13.88 20.51
N TYR A 141 5.30 14.53 21.56
CA TYR A 141 4.44 15.36 22.38
C TYR A 141 4.13 16.72 21.75
N LYS A 142 4.66 17.03 20.57
CA LYS A 142 4.10 18.15 19.81
C LYS A 142 2.88 17.75 19.01
N ASN A 143 2.57 16.45 18.95
CA ASN A 143 1.35 15.93 18.33
C ASN A 143 0.37 15.56 19.43
N LYS A 144 -0.89 15.37 19.05
CA LYS A 144 -1.91 14.97 20.02
C LYS A 144 -2.79 13.87 19.44
N ASP A 145 -3.21 12.98 20.34
CA ASP A 145 -4.19 11.92 20.05
C ASP A 145 -3.75 11.12 18.82
N HIS A 146 -4.60 10.94 17.82
CA HIS A 146 -4.27 10.05 16.71
C HIS A 146 -3.12 10.59 15.87
N GLY A 147 -2.97 11.90 15.78
CA GLY A 147 -1.81 12.43 15.07
C GLY A 147 -0.52 12.02 15.74
N MET A 148 -0.54 11.93 17.07
CA MET A 148 0.62 11.42 17.80
C MET A 148 0.79 9.92 17.61
N LEU A 149 -0.34 9.22 17.44
CA LEU A 149 -0.25 7.79 17.14
C LEU A 149 0.44 7.56 15.80
N SER A 150 0.01 8.29 14.77
CA SER A 150 0.64 8.16 13.45
C SER A 150 2.07 8.68 13.45
N ALA A 151 2.37 9.69 14.27
CA ALA A 151 3.76 10.12 14.40
C ALA A 151 4.62 8.99 14.94
N ALA A 152 4.19 8.35 16.03
CA ALA A 152 4.94 7.22 16.57
C ALA A 152 5.02 6.08 15.56
N ALA A 153 3.96 5.87 14.78
CA ALA A 153 3.98 4.81 13.77
C ALA A 153 4.96 5.09 12.64
N SER A 154 5.25 6.36 12.36
CA SER A 154 6.13 6.67 11.25
C SER A 154 7.56 6.17 11.48
N LEU A 155 7.96 6.02 12.75
CA LEU A 155 9.29 5.49 13.05
C LEU A 155 9.51 4.15 12.38
N GLY A 156 8.50 3.26 12.42
CA GLY A 156 8.63 1.97 11.78
C GLY A 156 8.66 2.05 10.27
N MET A 157 8.12 3.13 9.69
CA MET A 157 8.22 3.33 8.26
C MET A 157 9.61 3.82 7.85
N ILE A 158 10.25 4.63 8.70
CA ILE A 158 11.62 5.04 8.40
C ILE A 158 12.57 3.85 8.45
N LEU A 159 12.35 2.92 9.40
CA LEU A 159 13.20 1.75 9.60
C LEU A 159 12.74 0.53 8.81
N LEU A 160 12.02 0.72 7.71
CA LEU A 160 11.47 -0.40 6.95
C LEU A 160 12.55 -1.39 6.55
N TRP A 161 12.22 -2.68 6.65
CA TRP A 161 13.09 -3.81 6.33
C TRP A 161 14.33 -3.95 7.22
N ASP A 162 14.53 -3.03 8.17
CA ASP A 162 15.61 -3.19 9.15
C ASP A 162 14.98 -3.72 10.43
N VAL A 163 14.79 -5.04 10.47
CA VAL A 163 14.08 -5.66 11.58
C VAL A 163 14.87 -5.53 12.88
N ASP A 164 16.15 -5.91 12.87
CA ASP A 164 16.91 -5.88 14.12
C ASP A 164 17.08 -4.46 14.64
N GLY A 165 17.60 -3.56 13.80
CA GLY A 165 17.74 -2.18 14.21
C GLY A 165 16.42 -1.48 14.40
N GLY A 166 15.43 -1.83 13.58
CA GLY A 166 14.09 -1.29 13.73
C GLY A 166 13.53 -1.58 15.11
N LEU A 167 13.49 -2.86 15.49
CA LEU A 167 12.99 -3.22 16.80
C LEU A 167 13.84 -2.64 17.92
N THR A 168 15.17 -2.63 17.74
CA THR A 168 16.03 -2.02 18.76
C THR A 168 15.67 -0.56 18.98
N GLN A 169 15.27 0.15 17.93
CA GLN A 169 14.89 1.54 18.08
C GLN A 169 13.46 1.69 18.60
N ILE A 170 12.55 0.83 18.15
CA ILE A 170 11.14 0.97 18.52
C ILE A 170 10.91 0.57 19.97
N ASP A 171 11.67 -0.40 20.49
CA ASP A 171 11.33 -1.05 21.74
C ASP A 171 11.10 -0.04 22.85
N LYS A 172 11.85 1.06 22.82
CA LYS A 172 11.74 2.07 23.88
C LYS A 172 10.33 2.62 23.99
N TYR A 173 9.61 2.73 22.87
CA TYR A 173 8.26 3.28 22.89
C TYR A 173 7.21 2.24 23.25
N LEU A 174 7.52 0.95 23.19
CA LEU A 174 6.57 -0.08 23.60
C LEU A 174 6.22 -0.03 25.08
N TYR A 175 6.95 0.74 25.89
CA TYR A 175 6.70 0.80 27.31
C TYR A 175 6.19 2.17 27.75
N SER A 176 5.70 2.97 26.80
CA SER A 176 5.24 4.32 27.11
C SER A 176 3.93 4.28 27.89
N SER A 177 3.78 5.23 28.82
CA SER A 177 2.54 5.35 29.57
C SER A 177 1.41 5.89 28.71
N GLU A 178 1.72 6.62 27.64
CA GLU A 178 0.72 7.17 26.75
C GLU A 178 0.23 6.08 25.80
N ASP A 179 -1.08 5.83 25.81
CA ASP A 179 -1.62 4.72 25.03
C ASP A 179 -1.52 4.96 23.53
N TYR A 180 -1.66 6.20 23.08
CA TYR A 180 -1.53 6.48 21.65
C TYR A 180 -0.10 6.23 21.17
N ILE A 181 0.89 6.63 21.96
CA ILE A 181 2.28 6.38 21.59
C ILE A 181 2.56 4.89 21.56
N LYS A 182 2.05 4.15 22.56
CA LYS A 182 2.26 2.71 22.58
C LYS A 182 1.59 2.03 21.39
N SER A 183 0.39 2.48 21.02
CA SER A 183 -0.28 1.92 19.85
C SER A 183 0.51 2.21 18.58
N GLY A 184 1.06 3.41 18.47
CA GLY A 184 1.87 3.72 17.30
C GLY A 184 3.15 2.93 17.26
N ALA A 185 3.76 2.68 18.41
CA ALA A 185 4.95 1.82 18.46
C ALA A 185 4.61 0.39 18.08
N LEU A 186 3.44 -0.11 18.50
CA LEU A 186 3.00 -1.43 18.08
C LEU A 186 2.83 -1.49 16.56
N LEU A 187 2.21 -0.46 15.98
CA LEU A 187 2.04 -0.41 14.54
C LEU A 187 3.40 -0.36 13.83
N ALA A 188 4.32 0.46 14.34
CA ALA A 188 5.67 0.49 13.80
C ALA A 188 6.33 -0.89 13.84
N CYS A 189 6.22 -1.58 14.97
CA CYS A 189 6.77 -2.93 15.10
C CYS A 189 6.18 -3.86 14.05
N GLY A 190 4.90 -3.71 13.75
CA GLY A 190 4.32 -4.46 12.64
C GLY A 190 4.86 -4.05 11.29
N ILE A 191 5.00 -2.75 11.06
CA ILE A 191 5.45 -2.25 9.75
C ILE A 191 6.85 -2.76 9.43
N VAL A 192 7.76 -2.67 10.41
CA VAL A 192 9.14 -3.06 10.17
C VAL A 192 9.27 -4.53 9.82
N ASN A 193 8.24 -5.33 10.07
CA ASN A 193 8.25 -6.75 9.76
C ASN A 193 7.61 -7.05 8.42
N SER A 194 7.10 -6.05 7.71
CA SER A 194 6.49 -6.29 6.42
C SER A 194 7.55 -6.73 5.40
N GLY A 195 7.18 -7.68 4.55
CA GLY A 195 7.99 -8.09 3.42
C GLY A 195 9.31 -8.75 3.77
N VAL A 196 9.57 -9.07 5.04
CA VAL A 196 10.85 -9.61 5.45
C VAL A 196 10.74 -11.05 5.92
N ARG A 197 9.61 -11.46 6.49
CA ARG A 197 9.38 -12.86 6.86
C ARG A 197 10.57 -13.49 7.55
N ASN A 198 11.16 -12.79 8.53
CA ASN A 198 12.24 -13.40 9.28
C ASN A 198 11.68 -14.57 10.08
N GLU A 199 12.54 -15.51 10.41
CA GLU A 199 12.08 -16.79 10.95
C GLU A 199 11.93 -16.79 12.47
N CYS A 200 12.23 -15.70 13.17
CA CYS A 200 12.13 -15.74 14.62
C CYS A 200 10.76 -15.29 15.13
N ASP A 201 9.90 -14.78 14.25
CA ASP A 201 8.57 -14.24 14.56
C ASP A 201 8.57 -13.13 15.60
N PRO A 202 9.36 -12.06 15.46
CA PRO A 202 9.34 -11.03 16.52
C PRO A 202 7.99 -10.36 16.67
N ALA A 203 7.21 -10.31 15.59
CA ALA A 203 5.96 -9.56 15.59
C ALA A 203 4.84 -10.31 16.28
N LEU A 204 4.70 -11.61 16.03
CA LEU A 204 3.65 -12.35 16.70
C LEU A 204 3.89 -12.36 18.21
N ALA A 205 5.14 -12.54 18.61
CA ALA A 205 5.46 -12.51 20.04
C ALA A 205 5.22 -11.14 20.66
N LEU A 206 5.53 -10.06 19.93
CA LEU A 206 5.42 -8.74 20.54
C LEU A 206 3.99 -8.20 20.53
N LEU A 207 3.24 -8.45 19.45
CA LEU A 207 1.96 -7.80 19.24
C LEU A 207 0.76 -8.59 19.78
N SER A 208 0.88 -9.91 19.90
CA SER A 208 -0.29 -10.77 20.09
C SER A 208 -0.99 -10.61 21.44
N ASP A 209 -0.34 -10.00 22.43
CA ASP A 209 -1.01 -9.79 23.71
C ASP A 209 -2.01 -8.64 23.73
N PHE A 210 -2.01 -7.76 22.72
CA PHE A 210 -2.87 -6.59 22.72
C PHE A 210 -4.08 -6.71 21.80
N VAL A 211 -4.22 -7.82 21.07
CA VAL A 211 -5.34 -7.93 20.15
C VAL A 211 -6.68 -7.94 20.88
N LEU A 212 -6.70 -8.37 22.14
CA LEU A 212 -7.88 -8.26 22.99
C LEU A 212 -7.64 -7.35 24.20
N HIS A 213 -6.79 -6.35 24.06
CA HIS A 213 -6.60 -5.38 25.14
C HIS A 213 -7.91 -4.67 25.43
N ASN A 214 -8.00 -4.11 26.65
CA ASN A 214 -9.20 -3.39 27.05
C ASN A 214 -9.39 -2.11 26.25
N SER A 215 -8.31 -1.39 25.97
CA SER A 215 -8.36 -0.17 25.16
C SER A 215 -8.51 -0.53 23.69
N ASN A 216 -9.51 0.07 23.03
CA ASN A 216 -9.73 -0.17 21.61
C ASN A 216 -8.59 0.36 20.73
N THR A 217 -7.93 1.45 21.13
CA THR A 217 -6.82 1.94 20.33
C THR A 217 -5.68 0.91 20.30
N MET A 218 -5.45 0.22 21.42
CA MET A 218 -4.44 -0.82 21.44
C MET A 218 -4.84 -1.94 20.49
N ARG A 219 -6.13 -2.28 20.46
CA ARG A 219 -6.59 -3.34 19.56
C ARG A 219 -6.36 -2.94 18.11
N LEU A 220 -6.67 -1.69 17.77
CA LEU A 220 -6.47 -1.22 16.40
C LEU A 220 -5.01 -1.30 16.01
N GLY A 221 -4.13 -0.80 16.88
CA GLY A 221 -2.72 -0.81 16.55
C GLY A 221 -2.17 -2.21 16.40
N SER A 222 -2.50 -3.09 17.35
CA SER A 222 -1.98 -4.45 17.29
C SER A 222 -2.51 -5.20 16.08
N ILE A 223 -3.79 -5.03 15.76
CA ILE A 223 -4.37 -5.81 14.68
C ILE A 223 -3.87 -5.32 13.32
N PHE A 224 -3.77 -4.00 13.14
CA PHE A 224 -3.24 -3.50 11.89
C PHE A 224 -1.77 -3.86 11.73
N GLY A 225 -1.00 -3.79 12.83
CA GLY A 225 0.38 -4.23 12.77
C GLY A 225 0.52 -5.69 12.37
N LEU A 226 -0.27 -6.57 12.99
CA LEU A 226 -0.23 -7.98 12.63
C LEU A 226 -0.66 -8.21 11.18
N GLY A 227 -1.67 -7.45 10.72
CA GLY A 227 -2.08 -7.57 9.33
C GLY A 227 -0.98 -7.18 8.36
N LEU A 228 -0.24 -6.11 8.66
CA LEU A 228 0.84 -5.70 7.77
C LEU A 228 2.05 -6.62 7.87
N ALA A 229 2.34 -7.14 9.07
CA ALA A 229 3.51 -7.99 9.23
C ALA A 229 3.35 -9.35 8.54
N TYR A 230 2.12 -9.82 8.39
CA TYR A 230 1.86 -11.16 7.87
C TYR A 230 1.01 -11.14 6.60
N ALA A 231 1.01 -10.03 5.87
CA ALA A 231 0.14 -9.92 4.71
C ALA A 231 0.45 -10.97 3.65
N GLY A 232 1.69 -11.46 3.61
CA GLY A 232 2.07 -12.39 2.56
C GLY A 232 1.35 -13.72 2.66
N SER A 233 1.40 -14.36 3.81
CA SER A 233 1.00 -15.76 3.96
C SER A 233 -0.21 -15.85 4.89
N ASN A 234 -1.09 -16.81 4.58
CA ASN A 234 -2.27 -17.06 5.41
C ASN A 234 -1.89 -17.98 6.56
N ARG A 235 -1.22 -17.39 7.56
CA ARG A 235 -0.84 -18.14 8.74
C ARG A 235 -2.09 -18.57 9.50
N GLU A 236 -2.15 -19.86 9.85
CA GLU A 236 -3.32 -20.38 10.56
C GLU A 236 -3.36 -19.91 12.01
N ASP A 237 -2.20 -19.78 12.65
CA ASP A 237 -2.19 -19.34 14.05
C ASP A 237 -2.58 -17.86 14.17
N VAL A 238 -2.06 -17.01 13.28
CA VAL A 238 -2.40 -15.59 13.34
C VAL A 238 -3.88 -15.39 13.04
N LEU A 239 -4.41 -16.16 12.08
CA LEU A 239 -5.83 -16.06 11.77
C LEU A 239 -6.69 -16.55 12.92
N THR A 240 -6.31 -17.66 13.56
CA THR A 240 -7.05 -18.12 14.72
C THR A 240 -7.00 -17.11 15.87
N LEU A 241 -5.87 -16.42 16.02
CA LEU A 241 -5.77 -15.36 17.01
C LEU A 241 -6.71 -14.20 16.69
N LEU A 242 -6.75 -13.78 15.42
CA LEU A 242 -7.44 -12.54 15.09
C LEU A 242 -8.96 -12.74 14.92
N LEU A 243 -9.38 -13.84 14.31
CA LEU A 243 -10.79 -14.00 13.97
C LEU A 243 -11.73 -13.84 15.15
N PRO A 244 -11.40 -14.30 16.37
CA PRO A 244 -12.30 -14.03 17.52
C PRO A 244 -12.58 -12.57 17.77
N VAL A 245 -11.70 -11.66 17.35
CA VAL A 245 -11.85 -10.26 17.75
C VAL A 245 -13.02 -9.58 17.05
N MET A 246 -13.47 -10.08 15.89
CA MET A 246 -14.67 -9.53 15.29
C MET A 246 -15.94 -9.90 16.04
N GLY A 247 -15.91 -10.94 16.87
CA GLY A 247 -17.11 -11.36 17.57
C GLY A 247 -17.13 -10.86 19.00
N ASP A 248 -16.05 -10.22 19.45
CA ASP A 248 -16.01 -9.70 20.81
C ASP A 248 -17.01 -8.57 20.95
N SER A 249 -17.84 -8.65 22.00
CA SER A 249 -18.84 -7.61 22.24
C SER A 249 -18.23 -6.26 22.57
N LYS A 250 -16.98 -6.23 23.04
CA LYS A 250 -16.29 -4.97 23.29
C LYS A 250 -15.67 -4.35 22.05
N SER A 251 -15.59 -5.09 20.95
CA SER A 251 -15.01 -4.54 19.72
C SER A 251 -15.93 -3.48 19.13
N SER A 252 -15.39 -2.28 18.91
CA SER A 252 -16.08 -1.27 18.12
C SER A 252 -16.21 -1.72 16.66
N MET A 253 -17.08 -1.04 15.93
CA MET A 253 -17.16 -1.26 14.49
C MET A 253 -15.85 -0.95 13.79
N GLU A 254 -15.11 0.05 14.28
CA GLU A 254 -13.78 0.32 13.72
C GLU A 254 -12.84 -0.85 13.95
N VAL A 255 -12.93 -1.50 15.11
CA VAL A 255 -12.05 -2.62 15.40
C VAL A 255 -12.45 -3.83 14.57
N ALA A 256 -13.75 -4.05 14.40
CA ALA A 256 -14.21 -5.13 13.53
C ALA A 256 -13.74 -4.91 12.09
N GLY A 257 -13.86 -3.68 11.60
CA GLY A 257 -13.40 -3.39 10.26
C GLY A 257 -11.91 -3.60 10.08
N VAL A 258 -11.11 -3.06 11.00
CA VAL A 258 -9.66 -3.26 10.94
C VAL A 258 -9.32 -4.74 11.01
N THR A 259 -10.06 -5.51 11.82
CA THR A 259 -9.81 -6.94 11.91
C THR A 259 -10.13 -7.65 10.60
N ALA A 260 -11.22 -7.26 9.95
CA ALA A 260 -11.53 -7.85 8.65
C ALA A 260 -10.48 -7.49 7.62
N LEU A 261 -9.98 -6.25 7.66
CA LEU A 261 -8.89 -5.86 6.78
C LEU A 261 -7.65 -6.73 7.01
N ALA A 262 -7.27 -6.88 8.27
CA ALA A 262 -6.10 -7.68 8.60
C ALA A 262 -6.26 -9.11 8.15
N CYS A 263 -7.41 -9.72 8.44
CA CYS A 263 -7.65 -11.11 8.06
C CYS A 263 -7.64 -11.29 6.53
N GLY A 264 -8.23 -10.34 5.80
CA GLY A 264 -8.22 -10.42 4.35
C GLY A 264 -6.84 -10.20 3.74
N MET A 265 -6.04 -9.32 4.34
CA MET A 265 -4.66 -9.15 3.89
C MET A 265 -3.86 -10.41 4.16
N ILE A 266 -3.93 -10.94 5.37
CA ILE A 266 -3.21 -12.18 5.70
C ILE A 266 -3.67 -13.32 4.81
N ALA A 267 -4.98 -13.42 4.59
CA ALA A 267 -5.56 -14.50 3.79
C ALA A 267 -5.79 -14.10 2.34
N VAL A 268 -5.13 -13.03 1.88
CA VAL A 268 -5.43 -12.50 0.55
C VAL A 268 -5.31 -13.60 -0.49
N GLY A 269 -6.33 -13.72 -1.33
CA GLY A 269 -6.34 -14.69 -2.40
C GLY A 269 -6.37 -16.14 -1.99
N SER A 270 -6.52 -16.43 -0.69
CA SER A 270 -6.37 -17.80 -0.21
C SER A 270 -7.67 -18.59 -0.22
N CYS A 271 -8.82 -17.92 -0.32
CA CYS A 271 -10.12 -18.55 -0.17
C CYS A 271 -10.23 -19.28 1.17
N ASN A 272 -9.64 -18.71 2.22
CA ASN A 272 -9.74 -19.34 3.54
C ASN A 272 -11.19 -19.32 4.00
N GLY A 273 -11.73 -20.52 4.29
CA GLY A 273 -13.14 -20.62 4.63
C GLY A 273 -13.53 -20.10 6.01
N ASP A 274 -12.64 -20.21 7.00
CA ASP A 274 -13.02 -19.76 8.34
C ASP A 274 -13.15 -18.24 8.43
N VAL A 275 -12.27 -17.51 7.74
CA VAL A 275 -12.41 -16.05 7.70
C VAL A 275 -13.68 -15.68 6.95
N THR A 276 -13.93 -16.31 5.80
CA THR A 276 -15.14 -16.05 5.04
C THR A 276 -16.37 -16.20 5.93
N SER A 277 -16.48 -17.36 6.59
CA SER A 277 -17.65 -17.62 7.41
C SER A 277 -17.74 -16.62 8.55
N THR A 278 -16.60 -16.29 9.18
CA THR A 278 -16.61 -15.32 10.26
C THR A 278 -17.09 -13.96 9.78
N ILE A 279 -16.66 -13.53 8.59
CA ILE A 279 -17.08 -12.25 8.04
C ILE A 279 -18.58 -12.25 7.79
N LEU A 280 -19.08 -13.34 7.18
CA LEU A 280 -20.51 -13.43 6.91
C LEU A 280 -21.32 -13.41 8.19
N GLN A 281 -20.85 -14.13 9.22
CA GLN A 281 -21.50 -14.10 10.52
C GLN A 281 -21.52 -12.69 11.11
N THR A 282 -20.39 -11.97 11.02
CA THR A 282 -20.35 -10.63 11.58
C THR A 282 -21.25 -9.67 10.82
N ILE A 283 -21.43 -9.87 9.52
CA ILE A 283 -22.41 -9.08 8.78
C ILE A 283 -23.83 -9.41 9.23
N MET A 284 -24.15 -10.70 9.30
CA MET A 284 -25.53 -11.10 9.60
C MET A 284 -25.96 -10.64 10.98
N GLU A 285 -25.03 -10.46 11.91
CA GLU A 285 -25.37 -10.01 13.25
C GLU A 285 -25.70 -8.51 13.33
N LYS A 286 -25.20 -7.70 12.40
CA LYS A 286 -25.25 -6.26 12.58
C LYS A 286 -26.63 -5.70 12.24
N SER A 287 -27.07 -4.75 13.06
CA SER A 287 -28.35 -4.08 12.85
C SER A 287 -28.34 -3.29 11.55
N GLU A 288 -29.52 -3.12 10.96
CA GLU A 288 -29.68 -2.24 9.82
C GLU A 288 -29.27 -0.81 10.12
N THR A 289 -29.25 -0.41 11.40
CA THR A 289 -28.78 0.92 11.76
C THR A 289 -27.25 1.01 11.80
N GLU A 290 -26.57 -0.09 12.11
CA GLU A 290 -25.11 -0.06 12.22
C GLU A 290 -24.41 -0.24 10.88
N LEU A 291 -24.97 -1.01 9.97
CA LEU A 291 -24.38 -1.16 8.63
C LEU A 291 -24.37 0.16 7.87
N LYS A 292 -24.94 1.22 8.45
CA LYS A 292 -24.76 2.56 7.90
C LYS A 292 -23.42 3.16 8.27
N ASP A 293 -22.77 2.66 9.33
CA ASP A 293 -21.46 3.16 9.72
C ASP A 293 -20.43 2.82 8.65
N THR A 294 -19.65 3.82 8.25
CA THR A 294 -18.80 3.67 7.06
C THR A 294 -17.59 2.78 7.32
N TYR A 295 -17.23 2.54 8.59
CA TYR A 295 -16.27 1.50 8.90
C TYR A 295 -16.78 0.11 8.52
N ALA A 296 -18.09 -0.06 8.35
CA ALA A 296 -18.64 -1.32 7.88
C ALA A 296 -18.21 -1.65 6.45
N ARG A 297 -17.81 -0.64 5.68
CA ARG A 297 -17.35 -0.89 4.32
C ARG A 297 -16.09 -1.75 4.28
N TRP A 298 -15.30 -1.75 5.36
CA TRP A 298 -14.11 -2.59 5.43
C TRP A 298 -14.43 -4.08 5.54
N LEU A 299 -15.66 -4.46 5.92
CA LEU A 299 -15.98 -5.89 6.00
C LEU A 299 -16.02 -6.55 4.63
N PRO A 300 -16.80 -6.07 3.66
CA PRO A 300 -16.76 -6.70 2.33
C PRO A 300 -15.47 -6.43 1.61
N LEU A 301 -14.72 -5.40 2.00
CA LEU A 301 -13.38 -5.21 1.43
C LEU A 301 -12.49 -6.38 1.81
N GLY A 302 -12.43 -6.70 3.10
CA GLY A 302 -11.73 -7.91 3.52
C GLY A 302 -12.24 -9.16 2.84
N LEU A 303 -13.55 -9.23 2.58
CA LEU A 303 -14.07 -10.41 1.87
C LEU A 303 -13.53 -10.48 0.45
N GLY A 304 -13.55 -9.35 -0.26
CA GLY A 304 -13.04 -9.33 -1.61
C GLY A 304 -11.56 -9.67 -1.64
N LEU A 305 -10.80 -9.10 -0.69
CA LEU A 305 -9.40 -9.45 -0.58
C LEU A 305 -9.24 -10.95 -0.40
N ASN A 306 -10.14 -11.56 0.36
CA ASN A 306 -10.10 -13.01 0.53
C ASN A 306 -10.37 -13.73 -0.78
N HIS A 307 -11.09 -13.09 -1.70
CA HIS A 307 -11.40 -13.72 -2.98
C HIS A 307 -10.81 -12.97 -4.16
N LEU A 308 -9.85 -12.10 -3.92
CA LEU A 308 -9.27 -11.28 -4.98
C LEU A 308 -8.81 -12.16 -6.14
N GLY A 309 -9.30 -11.82 -7.34
CA GLY A 309 -8.87 -12.49 -8.57
C GLY A 309 -9.34 -13.90 -8.78
N LYS A 310 -10.25 -14.42 -7.95
CA LYS A 310 -10.71 -15.79 -8.12
C LYS A 310 -11.87 -15.93 -9.12
N GLY A 311 -12.43 -14.82 -9.57
CA GLY A 311 -13.36 -14.88 -10.69
C GLY A 311 -14.65 -15.61 -10.36
N GLU A 312 -15.07 -16.48 -11.28
CA GLU A 312 -16.41 -17.05 -11.28
C GLU A 312 -16.72 -17.87 -10.02
N ALA A 313 -15.70 -18.23 -9.23
CA ALA A 313 -15.97 -18.96 -8.00
C ALA A 313 -16.77 -18.13 -7.00
N ILE A 314 -16.85 -16.82 -7.20
CA ILE A 314 -17.46 -15.90 -6.24
C ILE A 314 -18.97 -16.03 -6.16
N GLU A 315 -19.61 -16.71 -7.12
CA GLU A 315 -21.07 -16.79 -7.12
C GLU A 315 -21.61 -17.38 -5.82
N ALA A 316 -20.91 -18.34 -5.24
CA ALA A 316 -21.38 -18.96 -4.00
C ALA A 316 -21.56 -17.90 -2.91
N ILE A 317 -20.66 -16.94 -2.86
CA ILE A 317 -20.77 -15.92 -1.82
C ILE A 317 -21.77 -14.87 -2.25
N LEU A 318 -21.85 -14.56 -3.55
CA LEU A 318 -22.91 -13.64 -3.97
C LEU A 318 -24.27 -14.18 -3.58
N ALA A 319 -24.45 -15.50 -3.64
CA ALA A 319 -25.70 -16.11 -3.20
C ALA A 319 -25.85 -16.06 -1.69
N ALA A 320 -24.74 -16.19 -0.95
CA ALA A 320 -24.83 -16.15 0.50
C ALA A 320 -25.16 -14.74 1.00
N LEU A 321 -24.69 -13.70 0.30
CA LEU A 321 -24.98 -12.31 0.60
C LEU A 321 -26.41 -11.88 0.29
N GLU A 322 -27.25 -12.77 -0.26
CA GLU A 322 -28.59 -12.35 -0.65
C GLU A 322 -29.44 -11.90 0.54
N VAL A 323 -29.14 -12.39 1.74
CA VAL A 323 -29.96 -12.06 2.90
C VAL A 323 -29.65 -10.67 3.47
N VAL A 324 -28.52 -10.06 3.09
CA VAL A 324 -28.10 -8.82 3.71
C VAL A 324 -29.02 -7.67 3.30
N SER A 325 -29.15 -6.69 4.19
CA SER A 325 -30.00 -5.53 3.96
C SER A 325 -29.76 -4.92 2.58
N GLU A 326 -30.82 -4.39 2.00
CA GLU A 326 -30.76 -3.93 0.61
C GLU A 326 -29.75 -2.82 0.37
N PRO A 327 -29.64 -1.78 1.20
CA PRO A 327 -28.67 -0.72 0.91
C PRO A 327 -27.23 -1.21 1.00
N PHE A 328 -26.92 -1.96 2.05
CA PHE A 328 -25.58 -2.52 2.20
C PHE A 328 -25.29 -3.58 1.14
N ARG A 329 -26.35 -4.28 0.69
CA ARG A 329 -26.16 -5.37 -0.27
C ARG A 329 -25.50 -4.88 -1.54
N SER A 330 -25.92 -3.73 -2.06
CA SER A 330 -25.33 -3.22 -3.29
C SER A 330 -23.84 -3.00 -3.12
N PHE A 331 -23.45 -2.43 -1.98
CA PHE A 331 -22.04 -2.13 -1.74
C PHE A 331 -21.24 -3.42 -1.62
N ALA A 332 -21.72 -4.35 -0.79
CA ALA A 332 -20.99 -5.60 -0.58
C ALA A 332 -20.86 -6.37 -1.88
N ASN A 333 -21.96 -6.54 -2.61
CA ASN A 333 -21.93 -7.29 -3.86
C ASN A 333 -20.98 -6.65 -4.87
N THR A 334 -21.06 -5.33 -5.03
CA THR A 334 -20.22 -4.66 -6.01
C THR A 334 -18.74 -4.82 -5.65
N LEU A 335 -18.40 -4.54 -4.38
CA LEU A 335 -17.00 -4.59 -3.98
C LEU A 335 -16.45 -6.00 -4.12
N VAL A 336 -17.21 -7.00 -3.68
CA VAL A 336 -16.72 -8.38 -3.75
C VAL A 336 -16.57 -8.80 -5.21
N ASP A 337 -17.49 -8.37 -6.08
CA ASP A 337 -17.40 -8.77 -7.48
C ASP A 337 -16.20 -8.14 -8.16
N VAL A 338 -15.97 -6.85 -7.94
CA VAL A 338 -14.83 -6.20 -8.58
C VAL A 338 -13.51 -6.68 -7.98
N CYS A 339 -13.49 -7.09 -6.71
CA CYS A 339 -12.30 -7.74 -6.17
C CYS A 339 -12.05 -9.09 -6.81
N ALA A 340 -13.11 -9.88 -7.03
CA ALA A 340 -12.93 -11.22 -7.59
C ALA A 340 -12.33 -11.17 -9.00
N TYR A 341 -12.61 -10.11 -9.75
CA TYR A 341 -12.17 -9.98 -11.14
C TYR A 341 -11.01 -9.01 -11.31
N ALA A 342 -10.38 -8.57 -10.22
CA ALA A 342 -9.42 -7.47 -10.29
C ALA A 342 -8.40 -7.68 -11.41
N GLY A 343 -7.94 -8.91 -11.60
CA GLY A 343 -6.96 -9.15 -12.66
C GLY A 343 -7.54 -9.61 -13.98
N SER A 344 -8.85 -9.86 -14.02
CA SER A 344 -9.44 -10.53 -15.16
C SER A 344 -9.30 -9.71 -16.44
N GLY A 345 -9.53 -8.40 -16.35
CA GLY A 345 -9.63 -7.57 -17.53
C GLY A 345 -10.79 -8.03 -18.40
N ASN A 346 -11.92 -8.28 -17.74
CA ASN A 346 -13.10 -8.81 -18.42
C ASN A 346 -13.90 -7.67 -19.05
N VAL A 347 -14.14 -7.76 -20.36
CA VAL A 347 -14.84 -6.70 -21.07
C VAL A 347 -16.30 -6.61 -20.62
N LEU A 348 -16.89 -7.75 -20.25
CA LEU A 348 -18.32 -7.78 -19.96
C LEU A 348 -18.61 -7.24 -18.57
N LYS A 349 -17.74 -7.54 -17.60
CA LYS A 349 -17.92 -6.92 -16.29
C LYS A 349 -17.76 -5.42 -16.38
N VAL A 350 -16.86 -4.94 -17.25
CA VAL A 350 -16.72 -3.50 -17.46
C VAL A 350 -17.97 -2.91 -18.10
N GLN A 351 -18.59 -3.65 -19.02
CA GLN A 351 -19.88 -3.21 -19.54
C GLN A 351 -20.93 -3.13 -18.44
N GLN A 352 -20.96 -4.13 -17.55
CA GLN A 352 -21.93 -4.11 -16.46
C GLN A 352 -21.70 -2.93 -15.52
N LEU A 353 -20.44 -2.58 -15.27
CA LEU A 353 -20.17 -1.47 -14.37
C LEU A 353 -20.41 -0.12 -15.03
N LEU A 354 -20.16 -0.02 -16.33
CA LEU A 354 -20.55 1.15 -17.11
C LEU A 354 -22.07 1.25 -17.24
N HIS A 390 -21.71 3.27 -3.67
CA HIS A 390 -22.06 2.17 -4.57
C HIS A 390 -21.52 2.43 -5.97
N GLN A 391 -21.77 3.64 -6.49
CA GLN A 391 -21.20 4.03 -7.77
C GLN A 391 -19.70 4.27 -7.68
N GLY A 392 -19.22 4.79 -6.54
CA GLY A 392 -17.79 4.96 -6.36
C GLY A 392 -17.05 3.63 -6.45
N VAL A 393 -17.54 2.63 -5.74
CA VAL A 393 -16.91 1.32 -5.84
C VAL A 393 -17.08 0.76 -7.24
N ALA A 394 -18.12 1.19 -7.96
CA ALA A 394 -18.29 0.74 -9.34
C ALA A 394 -17.17 1.26 -10.23
N VAL A 395 -16.85 2.55 -10.11
CA VAL A 395 -15.81 3.12 -10.97
C VAL A 395 -14.43 2.62 -10.53
N LEU A 396 -14.24 2.43 -9.22
CA LEU A 396 -12.99 1.82 -8.78
C LEU A 396 -12.86 0.41 -9.31
N GLY A 397 -13.95 -0.35 -9.37
CA GLY A 397 -13.88 -1.67 -9.99
C GLY A 397 -13.61 -1.63 -11.47
N ILE A 398 -14.11 -0.61 -12.18
CA ILE A 398 -13.76 -0.47 -13.59
C ILE A 398 -12.25 -0.31 -13.73
N ALA A 399 -11.67 0.59 -12.94
CA ALA A 399 -10.22 0.76 -13.00
C ALA A 399 -9.48 -0.50 -12.57
N LEU A 400 -9.95 -1.14 -11.50
CA LEU A 400 -9.30 -2.32 -10.96
C LEU A 400 -9.27 -3.46 -11.96
N ILE A 401 -10.32 -3.59 -12.78
CA ILE A 401 -10.34 -4.62 -13.80
C ILE A 401 -9.54 -4.19 -15.02
N ALA A 402 -9.69 -2.94 -15.46
CA ALA A 402 -9.07 -2.49 -16.69
C ALA A 402 -7.56 -2.42 -16.60
N MET A 403 -6.99 -2.21 -15.41
CA MET A 403 -5.55 -2.00 -15.36
C MET A 403 -4.75 -3.21 -15.88
N GLY A 404 -5.39 -4.35 -16.08
CA GLY A 404 -4.69 -5.54 -16.52
C GLY A 404 -4.24 -5.53 -17.97
N GLU A 405 -4.78 -4.62 -18.79
CA GLU A 405 -4.37 -4.56 -20.18
C GLU A 405 -4.49 -3.12 -20.66
N GLU A 406 -3.63 -2.75 -21.62
CA GLU A 406 -3.42 -1.34 -21.93
C GLU A 406 -4.56 -0.73 -22.75
N ILE A 407 -5.16 -1.50 -23.68
CA ILE A 407 -6.25 -0.96 -24.47
C ILE A 407 -7.45 -0.65 -23.56
N GLY A 408 -7.78 -1.58 -22.68
CA GLY A 408 -8.82 -1.32 -21.71
C GLY A 408 -8.47 -0.17 -20.79
N ALA A 409 -7.19 -0.06 -20.43
CA ALA A 409 -6.76 1.06 -19.59
C ALA A 409 -6.93 2.41 -20.28
N GLU A 410 -6.65 2.50 -21.57
CA GLU A 410 -6.85 3.78 -22.27
C GLU A 410 -8.34 4.09 -22.42
N MET A 411 -9.17 3.07 -22.68
CA MET A 411 -10.60 3.33 -22.74
C MET A 411 -11.12 3.75 -21.38
N ALA A 412 -10.60 3.15 -20.31
CA ALA A 412 -10.93 3.57 -18.96
C ALA A 412 -10.52 5.01 -18.71
N LEU A 413 -9.32 5.40 -19.16
CA LEU A 413 -8.87 6.78 -18.98
C LEU A 413 -9.82 7.76 -19.67
N ARG A 414 -10.25 7.44 -20.90
CA ARG A 414 -11.22 8.30 -21.57
C ARG A 414 -12.52 8.35 -20.79
N THR A 415 -13.00 7.20 -20.30
CA THR A 415 -14.22 7.18 -19.50
C THR A 415 -14.07 8.06 -18.28
N PHE A 416 -12.94 7.96 -17.58
CA PHE A 416 -12.75 8.72 -16.35
C PHE A 416 -12.71 10.21 -16.64
N GLY A 417 -12.08 10.61 -17.74
CA GLY A 417 -12.13 12.01 -18.11
C GLY A 417 -13.55 12.49 -18.39
N HIS A 418 -14.31 11.68 -19.12
CA HIS A 418 -15.70 12.02 -19.38
C HIS A 418 -16.50 12.14 -18.08
N LEU A 419 -16.28 11.22 -17.15
CA LEU A 419 -17.00 11.26 -15.89
C LEU A 419 -16.61 12.47 -15.05
N LEU A 420 -15.33 12.82 -15.05
CA LEU A 420 -14.91 14.03 -14.32
C LEU A 420 -15.48 15.29 -14.93
N ARG A 421 -15.67 15.31 -16.25
CA ARG A 421 -16.19 16.51 -16.88
C ARG A 421 -17.71 16.61 -16.75
N TYR A 422 -18.43 15.52 -17.01
CA TYR A 422 -19.88 15.55 -17.17
C TYR A 422 -20.62 14.51 -16.33
N GLY A 423 -19.91 13.74 -15.51
CA GLY A 423 -20.53 12.70 -14.72
C GLY A 423 -21.46 13.19 -13.62
N GLU A 424 -22.04 12.22 -12.92
CA GLU A 424 -22.92 12.51 -11.79
C GLU A 424 -22.14 13.28 -10.73
N PRO A 425 -22.74 14.28 -10.09
CA PRO A 425 -21.96 15.07 -9.12
C PRO A 425 -21.41 14.22 -8.00
N THR A 426 -22.16 13.19 -7.57
CA THR A 426 -21.67 12.29 -6.54
C THR A 426 -20.69 11.26 -7.11
N LEU A 427 -20.93 10.80 -8.34
CA LEU A 427 -20.11 9.74 -8.92
C LEU A 427 -18.71 10.21 -9.23
N ARG A 428 -18.53 11.49 -9.55
CA ARG A 428 -17.21 11.97 -9.97
C ARG A 428 -16.25 12.02 -8.80
N ARG A 429 -16.75 11.92 -7.57
CA ARG A 429 -15.91 12.00 -6.38
C ARG A 429 -14.87 10.88 -6.37
N ALA A 430 -15.24 9.69 -6.85
CA ALA A 430 -14.32 8.55 -6.88
C ALA A 430 -13.43 8.52 -8.11
N VAL A 431 -13.76 9.27 -9.16
CA VAL A 431 -13.02 9.15 -10.43
C VAL A 431 -11.53 9.43 -10.26
N PRO A 432 -11.09 10.46 -9.54
CA PRO A 432 -9.64 10.66 -9.39
C PRO A 432 -8.96 9.51 -8.66
N LEU A 433 -9.65 8.82 -7.75
CA LEU A 433 -9.01 7.69 -7.09
C LEU A 433 -8.82 6.53 -8.07
N ALA A 434 -9.77 6.34 -8.98
CA ALA A 434 -9.59 5.36 -10.04
C ALA A 434 -8.44 5.75 -10.96
N LEU A 435 -8.31 7.04 -11.28
CA LEU A 435 -7.17 7.49 -12.06
C LEU A 435 -5.86 7.23 -11.34
N ALA A 436 -5.84 7.41 -10.02
CA ALA A 436 -4.67 7.05 -9.24
C ALA A 436 -4.37 5.56 -9.37
N LEU A 437 -5.40 4.72 -9.17
CA LEU A 437 -5.19 3.28 -9.14
C LEU A 437 -4.65 2.78 -10.46
N ILE A 438 -5.15 3.30 -11.58
CA ILE A 438 -4.75 2.78 -12.88
C ILE A 438 -3.37 3.24 -13.32
N SER A 439 -2.80 4.25 -12.67
CA SER A 439 -1.56 4.87 -13.14
C SER A 439 -0.64 5.25 -11.98
N VAL A 440 -0.63 4.42 -10.92
CA VAL A 440 0.27 4.67 -9.80
C VAL A 440 1.71 4.56 -10.25
N SER A 441 2.54 5.48 -9.74
CA SER A 441 3.97 5.54 -10.07
C SER A 441 4.19 5.60 -11.59
N ASN A 442 3.32 6.32 -12.28
CA ASN A 442 3.39 6.44 -13.74
C ASN A 442 3.02 7.87 -14.09
N PRO A 443 4.01 8.79 -14.14
CA PRO A 443 3.66 10.22 -14.28
C PRO A 443 3.29 10.62 -15.69
N ARG A 444 2.10 10.20 -16.12
CA ARG A 444 1.59 10.61 -17.43
C ARG A 444 1.23 12.08 -17.41
N LEU A 445 1.54 12.78 -18.51
CA LEU A 445 1.31 14.22 -18.55
C LEU A 445 -0.18 14.54 -18.68
N ASN A 446 -0.91 13.77 -19.49
CA ASN A 446 -2.34 14.03 -19.65
C ASN A 446 -3.09 13.83 -18.33
N ILE A 447 -2.76 12.77 -17.60
CA ILE A 447 -3.44 12.49 -16.34
C ILE A 447 -3.16 13.60 -15.33
N LEU A 448 -1.89 14.01 -15.24
CA LEU A 448 -1.54 15.06 -14.30
C LEU A 448 -2.18 16.38 -14.68
N ASP A 449 -2.29 16.66 -15.98
CA ASP A 449 -2.98 17.86 -16.43
C ASP A 449 -4.46 17.82 -16.05
N THR A 450 -5.12 16.69 -16.27
CA THR A 450 -6.52 16.54 -15.86
C THR A 450 -6.68 16.79 -14.36
N LEU A 451 -5.84 16.14 -13.55
CA LEU A 451 -5.96 16.28 -12.10
C LEU A 451 -5.65 17.71 -11.67
N SER A 452 -4.70 18.37 -12.32
CA SER A 452 -4.42 19.75 -12.00
C SER A 452 -5.61 20.64 -12.32
N LYS A 453 -6.28 20.36 -13.44
CA LYS A 453 -7.50 21.10 -13.76
C LYS A 453 -8.54 20.91 -12.67
N PHE A 454 -8.81 19.66 -12.28
CA PHE A 454 -9.85 19.37 -11.31
C PHE A 454 -9.36 19.45 -9.87
N SER A 455 -8.22 20.11 -9.64
CA SER A 455 -7.65 20.24 -8.31
C SER A 455 -8.18 21.45 -7.56
N HIS A 456 -8.91 22.33 -8.25
CA HIS A 456 -9.51 23.52 -7.65
C HIS A 456 -11.01 23.36 -7.50
N ASP A 457 -11.57 22.22 -7.91
CA ASP A 457 -13.01 22.06 -8.02
C ASP A 457 -13.71 22.46 -6.73
N ALA A 458 -14.84 23.15 -6.88
CA ALA A 458 -15.54 23.72 -5.73
C ALA A 458 -16.07 22.66 -4.77
N ASP A 459 -16.20 21.41 -5.22
CA ASP A 459 -16.66 20.34 -4.35
C ASP A 459 -15.46 19.76 -3.59
N PRO A 460 -15.39 19.93 -2.26
CA PRO A 460 -14.13 19.63 -1.56
C PRO A 460 -13.59 18.24 -1.78
N GLU A 461 -14.45 17.23 -1.94
CA GLU A 461 -13.96 15.86 -2.04
C GLU A 461 -13.32 15.57 -3.39
N VAL A 462 -13.83 16.17 -4.47
CA VAL A 462 -13.15 16.04 -5.75
C VAL A 462 -11.75 16.63 -5.67
N SER A 463 -11.61 17.79 -5.02
CA SER A 463 -10.30 18.40 -4.85
C SER A 463 -9.37 17.50 -4.04
N TYR A 464 -9.83 17.06 -2.87
CA TYR A 464 -9.01 16.18 -2.03
C TYR A 464 -8.52 14.97 -2.81
N ASN A 465 -9.45 14.29 -3.50
CA ASN A 465 -9.08 13.06 -4.18
C ASN A 465 -8.19 13.32 -5.39
N SER A 466 -8.39 14.44 -6.08
CA SER A 466 -7.51 14.78 -7.20
C SER A 466 -6.09 15.06 -6.71
N ILE A 467 -5.94 15.75 -5.59
CA ILE A 467 -4.61 16.04 -5.07
C ILE A 467 -3.94 14.75 -4.62
N PHE A 468 -4.66 13.91 -3.88
CA PHE A 468 -4.09 12.63 -3.48
C PHE A 468 -3.72 11.79 -4.70
N ALA A 469 -4.56 11.79 -5.73
CA ALA A 469 -4.25 11.06 -6.95
C ALA A 469 -3.01 11.59 -7.65
N MET A 470 -2.79 12.90 -7.64
CA MET A 470 -1.55 13.43 -8.20
C MET A 470 -0.35 12.95 -7.39
N GLY A 471 -0.46 12.98 -6.06
CA GLY A 471 0.64 12.48 -5.25
C GLY A 471 0.92 11.01 -5.48
N MET A 472 -0.12 10.20 -5.66
CA MET A 472 0.06 8.78 -5.91
C MET A 472 0.66 8.52 -7.30
N VAL A 473 0.14 9.20 -8.32
CA VAL A 473 0.62 8.97 -9.68
C VAL A 473 2.12 9.27 -9.77
N GLY A 474 2.57 10.34 -9.14
CA GLY A 474 3.96 10.71 -9.13
C GLY A 474 4.79 10.07 -8.05
N SER A 475 4.23 9.11 -7.30
CA SER A 475 4.93 8.57 -6.14
C SER A 475 6.23 7.90 -6.57
N GLY A 476 7.29 8.16 -5.82
CA GLY A 476 8.57 7.53 -6.07
C GLY A 476 9.30 8.08 -7.28
N THR A 477 8.92 9.27 -7.74
CA THR A 477 9.54 9.92 -8.89
C THR A 477 9.80 11.38 -8.52
N ASN A 478 10.98 11.88 -8.88
CA ASN A 478 11.36 13.25 -8.59
C ASN A 478 10.90 14.24 -9.67
N ASN A 479 9.75 13.97 -10.29
CA ASN A 479 9.32 14.74 -11.45
C ASN A 479 9.21 16.22 -11.11
N ALA A 480 9.97 17.05 -11.81
CA ALA A 480 10.07 18.47 -11.45
C ALA A 480 8.80 19.23 -11.82
N ARG A 481 8.18 18.86 -12.95
CA ARG A 481 6.89 19.44 -13.31
C ARG A 481 5.88 19.24 -12.18
N LEU A 482 5.74 18.01 -11.72
CA LEU A 482 4.78 17.70 -10.67
C LEU A 482 5.12 18.43 -9.38
N ALA A 483 6.41 18.44 -9.00
CA ALA A 483 6.81 19.16 -7.80
C ALA A 483 6.43 20.65 -7.89
N ALA A 484 6.62 21.25 -9.06
CA ALA A 484 6.26 22.66 -9.21
C ALA A 484 4.75 22.85 -9.14
N MET A 485 3.99 21.93 -9.75
CA MET A 485 2.53 21.97 -9.62
C MET A 485 2.13 21.93 -8.15
N LEU A 486 2.67 20.99 -7.39
CA LEU A 486 2.33 20.90 -5.97
C LEU A 486 2.72 22.15 -5.20
N ARG A 487 3.88 22.75 -5.53
CA ARG A 487 4.27 23.97 -4.84
C ARG A 487 3.28 25.09 -5.12
N GLN A 488 2.82 25.21 -6.38
CA GLN A 488 1.88 26.27 -6.71
C GLN A 488 0.53 26.02 -6.05
N LEU A 489 0.06 24.77 -6.08
CA LEU A 489 -1.20 24.44 -5.41
C LEU A 489 -1.10 24.62 -3.91
N ALA A 490 0.09 24.44 -3.33
CA ALA A 490 0.31 24.75 -1.93
C ALA A 490 0.22 26.25 -1.67
N GLN A 491 0.65 27.06 -2.62
CA GLN A 491 0.49 28.50 -2.43
C GLN A 491 -0.96 28.94 -2.62
N TYR A 492 -1.69 28.27 -3.52
CA TYR A 492 -3.10 28.59 -3.72
C TYR A 492 -3.96 28.14 -2.54
N HIS A 493 -3.74 26.92 -2.05
CA HIS A 493 -4.55 26.36 -0.97
C HIS A 493 -4.03 26.70 0.41
N ALA A 494 -3.13 27.67 0.52
CA ALA A 494 -2.81 28.23 1.83
C ALA A 494 -4.06 28.82 2.47
N LYS A 495 -4.14 28.73 3.80
CA LYS A 495 -5.35 29.06 4.54
C LYS A 495 -6.51 28.12 4.21
N ASP A 496 -6.19 26.88 3.83
CA ASP A 496 -7.20 25.84 3.65
C ASP A 496 -6.65 24.53 4.21
N PRO A 497 -6.93 24.23 5.48
CA PRO A 497 -6.17 23.17 6.16
C PRO A 497 -6.28 21.82 5.48
N ASN A 498 -7.45 21.46 4.94
CA ASN A 498 -7.62 20.12 4.40
C ASN A 498 -6.97 19.97 3.02
N ASN A 499 -7.15 20.96 2.15
CA ASN A 499 -6.47 20.92 0.86
C ASN A 499 -4.96 21.02 1.05
N LEU A 500 -4.51 21.85 1.98
CA LEU A 500 -3.08 21.93 2.27
C LEU A 500 -2.55 20.61 2.81
N PHE A 501 -3.32 19.93 3.64
CA PHE A 501 -2.93 18.61 4.13
C PHE A 501 -2.78 17.61 2.98
N MET A 502 -3.72 17.61 2.04
CA MET A 502 -3.58 16.72 0.88
C MET A 502 -2.38 17.10 0.04
N VAL A 503 -2.11 18.41 -0.10
CA VAL A 503 -0.96 18.86 -0.87
C VAL A 503 0.33 18.37 -0.23
N ARG A 504 0.43 18.49 1.10
CA ARG A 504 1.63 18.02 1.79
C ARG A 504 1.80 16.51 1.64
N LEU A 505 0.70 15.76 1.74
CA LEU A 505 0.78 14.33 1.52
C LEU A 505 1.30 14.02 0.11
N ALA A 506 0.78 14.72 -0.90
CA ALA A 506 1.23 14.46 -2.26
C ALA A 506 2.69 14.85 -2.45
N GLN A 507 3.11 15.97 -1.87
CA GLN A 507 4.52 16.35 -1.93
C GLN A 507 5.40 15.25 -1.34
N GLY A 508 5.09 14.80 -0.13
CA GLY A 508 5.86 13.72 0.47
C GLY A 508 5.86 12.47 -0.39
N LEU A 509 4.70 12.10 -0.94
CA LEU A 509 4.62 10.88 -1.73
C LEU A 509 5.44 10.98 -3.02
N THR A 510 5.55 12.18 -3.59
CA THR A 510 6.34 12.32 -4.82
C THR A 510 7.80 11.99 -4.57
N HIS A 511 8.34 12.39 -3.41
CA HIS A 511 9.73 12.16 -3.05
C HIS A 511 9.92 10.87 -2.26
N LEU A 512 8.96 9.96 -2.31
CA LEU A 512 9.03 8.73 -1.53
C LEU A 512 10.37 8.02 -1.75
N GLY A 513 11.09 7.81 -0.66
CA GLY A 513 12.38 7.13 -0.75
C GLY A 513 13.45 7.93 -1.41
N LYS A 514 13.26 9.25 -1.54
CA LYS A 514 14.16 10.11 -2.30
C LYS A 514 14.31 9.65 -3.74
N GLY A 515 13.25 9.06 -4.31
CA GLY A 515 13.27 8.63 -5.68
C GLY A 515 13.64 7.17 -5.92
N THR A 516 13.88 6.40 -4.86
CA THR A 516 14.38 5.04 -5.00
C THR A 516 13.31 3.98 -4.84
N LEU A 517 12.05 4.35 -4.61
CA LEU A 517 10.98 3.40 -4.36
C LEU A 517 9.87 3.56 -5.39
N THR A 518 9.08 2.51 -5.55
CA THR A 518 7.91 2.52 -6.41
C THR A 518 6.71 1.94 -5.65
N LEU A 519 5.52 2.27 -6.13
CA LEU A 519 4.29 1.66 -5.63
C LEU A 519 3.55 0.84 -6.67
N CYS A 520 4.08 0.70 -7.88
CA CYS A 520 3.37 -0.03 -8.91
C CYS A 520 3.18 -1.49 -8.48
N PRO A 521 2.00 -2.08 -8.69
CA PRO A 521 1.81 -3.48 -8.29
C PRO A 521 2.50 -4.46 -9.22
N TYR A 522 2.74 -4.10 -10.46
CA TYR A 522 3.32 -5.02 -11.43
C TYR A 522 4.84 -5.01 -11.37
N HIS A 523 5.44 -6.12 -11.78
CA HIS A 523 6.89 -6.28 -11.81
C HIS A 523 7.21 -7.36 -12.84
N SER A 524 8.50 -7.49 -13.15
CA SER A 524 8.99 -8.49 -14.09
C SER A 524 8.28 -8.35 -15.44
N ASP A 525 8.60 -7.24 -16.11
CA ASP A 525 8.10 -6.93 -17.44
C ASP A 525 6.59 -6.68 -17.42
N ARG A 526 6.09 -6.13 -16.32
CA ARG A 526 4.68 -5.77 -16.19
C ARG A 526 3.75 -6.94 -16.49
N GLN A 527 4.15 -8.15 -16.08
CA GLN A 527 3.39 -9.35 -16.35
C GLN A 527 2.95 -10.12 -15.12
N LEU A 528 3.45 -9.77 -13.94
CA LEU A 528 3.07 -10.42 -12.69
C LEU A 528 2.52 -9.38 -11.73
N MET A 529 1.40 -9.69 -11.10
CA MET A 529 0.73 -8.78 -10.17
C MET A 529 0.97 -9.23 -8.74
N SER A 530 1.49 -8.32 -7.91
CA SER A 530 1.65 -8.58 -6.49
C SER A 530 0.31 -8.38 -5.80
N GLN A 531 -0.26 -9.45 -5.25
CA GLN A 531 -1.56 -9.35 -4.59
C GLN A 531 -1.48 -8.51 -3.31
N VAL A 532 -0.36 -8.53 -2.60
CA VAL A 532 -0.25 -7.73 -1.39
C VAL A 532 -0.22 -6.24 -1.70
N ALA A 533 0.42 -5.87 -2.81
CA ALA A 533 0.39 -4.48 -3.24
C ALA A 533 -1.03 -4.04 -3.58
N VAL A 534 -1.76 -4.89 -4.32
CA VAL A 534 -3.15 -4.57 -4.66
C VAL A 534 -3.98 -4.44 -3.39
N ALA A 535 -3.77 -5.34 -2.43
CA ALA A 535 -4.53 -5.28 -1.19
C ALA A 535 -4.28 -3.98 -0.45
N GLY A 536 -3.02 -3.53 -0.38
CA GLY A 536 -2.74 -2.27 0.30
C GLY A 536 -3.33 -1.08 -0.43
N LEU A 537 -3.17 -1.04 -1.75
CA LEU A 537 -3.71 0.06 -2.54
C LEU A 537 -5.22 0.13 -2.41
N LEU A 538 -5.90 -1.02 -2.49
CA LEU A 538 -7.34 -1.05 -2.36
C LEU A 538 -7.76 -0.62 -0.95
N THR A 539 -7.03 -1.04 0.08
CA THR A 539 -7.35 -0.60 1.43
C THR A 539 -7.34 0.92 1.49
N VAL A 540 -6.32 1.54 0.90
CA VAL A 540 -6.18 2.99 1.00
C VAL A 540 -7.28 3.68 0.21
N LEU A 541 -7.50 3.26 -1.04
CA LEU A 541 -8.47 3.97 -1.87
C LEU A 541 -9.91 3.75 -1.40
N VAL A 542 -10.23 2.56 -0.87
CA VAL A 542 -11.55 2.36 -0.29
C VAL A 542 -11.71 3.21 0.97
N SER A 543 -10.64 3.39 1.74
CA SER A 543 -10.71 4.32 2.86
C SER A 543 -10.86 5.76 2.38
N PHE A 544 -10.33 6.08 1.20
CA PHE A 544 -10.49 7.41 0.60
C PHE A 544 -11.86 7.62 -0.03
N LEU A 545 -12.64 6.56 -0.22
CA LEU A 545 -14.05 6.84 -0.58
C LEU A 545 -14.86 7.45 0.58
N ASP A 546 -14.21 7.78 1.68
CA ASP A 546 -14.81 8.55 2.76
C ASP A 546 -13.70 9.38 3.40
N VAL A 547 -13.00 10.14 2.55
CA VAL A 547 -11.80 10.85 2.99
C VAL A 547 -12.13 11.84 4.11
N ARG A 548 -13.27 12.52 4.03
CA ARG A 548 -13.58 13.55 5.01
C ARG A 548 -13.75 12.96 6.42
N ASN A 549 -14.16 11.70 6.52
CA ASN A 549 -14.41 11.09 7.83
C ASN A 549 -13.39 10.05 8.25
N ILE A 550 -12.80 9.30 7.31
CA ILE A 550 -11.78 8.32 7.66
C ILE A 550 -10.42 8.98 7.71
N ILE A 551 -10.01 9.62 6.61
CA ILE A 551 -8.64 10.11 6.50
C ILE A 551 -8.48 11.42 7.28
N LEU A 552 -9.38 12.37 7.06
CA LEU A 552 -9.32 13.62 7.81
C LEU A 552 -9.89 13.50 9.21
N GLY A 553 -10.54 12.39 9.53
CA GLY A 553 -10.96 12.11 10.89
C GLY A 553 -9.86 11.46 11.71
N LYS A 554 -10.22 10.41 12.44
CA LYS A 554 -9.32 9.79 13.40
C LYS A 554 -8.40 8.75 12.79
N SER A 555 -8.71 8.21 11.62
CA SER A 555 -8.18 6.92 11.18
C SER A 555 -7.16 7.05 10.05
N HIS A 556 -6.50 8.21 9.96
CA HIS A 556 -5.49 8.41 8.92
C HIS A 556 -4.33 7.43 9.00
N TYR A 557 -4.18 6.72 10.13
CA TYR A 557 -3.16 5.68 10.23
C TYR A 557 -3.29 4.62 9.14
N VAL A 558 -4.45 4.47 8.52
CA VAL A 558 -4.61 3.49 7.46
C VAL A 558 -3.77 3.83 6.23
N LEU A 559 -3.26 5.07 6.13
CA LEU A 559 -2.34 5.41 5.05
C LEU A 559 -1.12 4.50 5.05
N TYR A 560 -0.69 4.03 6.22
CA TYR A 560 0.46 3.13 6.31
C TYR A 560 0.24 1.80 5.61
N GLY A 561 -0.99 1.51 5.18
CA GLY A 561 -1.19 0.34 4.33
C GLY A 561 -0.43 0.39 3.03
N LEU A 562 -0.02 1.58 2.59
CA LEU A 562 0.81 1.70 1.40
C LEU A 562 2.14 0.97 1.53
N VAL A 563 2.61 0.71 2.76
CA VAL A 563 3.89 0.04 2.93
C VAL A 563 3.85 -1.36 2.33
N ALA A 564 2.66 -1.97 2.28
CA ALA A 564 2.56 -3.30 1.70
C ALA A 564 2.93 -3.30 0.22
N ALA A 565 2.77 -2.17 -0.47
CA ALA A 565 3.09 -2.08 -1.89
C ALA A 565 4.48 -1.53 -2.18
N MET A 566 5.15 -0.91 -1.21
CA MET A 566 6.46 -0.33 -1.48
C MET A 566 7.46 -1.40 -1.89
N GLN A 567 8.18 -1.13 -2.97
CA GLN A 567 9.19 -2.04 -3.50
C GLN A 567 10.33 -1.22 -4.06
N PRO A 568 11.53 -1.79 -4.14
CA PRO A 568 12.62 -1.09 -4.82
C PRO A 568 12.56 -1.20 -6.33
N ARG A 569 13.03 -0.13 -6.98
CA ARG A 569 13.03 0.00 -8.43
C ARG A 569 14.45 -0.07 -8.98
N MET A 570 15.37 -0.64 -8.20
CA MET A 570 16.79 -0.71 -8.54
C MET A 570 17.17 -2.09 -9.08
N LEU A 571 18.02 -2.08 -10.12
CA LEU A 571 18.70 -3.25 -10.66
C LEU A 571 20.03 -3.56 -9.98
N VAL A 572 20.27 -4.84 -9.74
CA VAL A 572 21.51 -5.32 -9.13
C VAL A 572 21.96 -6.60 -9.83
N THR A 573 23.25 -6.71 -10.08
CA THR A 573 23.83 -7.89 -10.72
C THR A 573 24.81 -8.52 -9.75
N PHE A 574 24.85 -9.85 -9.74
CA PHE A 574 25.75 -10.60 -8.88
C PHE A 574 26.58 -11.58 -9.70
N ASP A 575 27.70 -11.98 -9.13
CA ASP A 575 28.38 -13.20 -9.55
C ASP A 575 27.60 -14.40 -8.98
N GLU A 576 28.06 -15.60 -9.30
CA GLU A 576 27.40 -16.81 -8.80
C GLU A 576 27.53 -16.98 -7.29
N GLU A 577 28.26 -16.10 -6.62
CA GLU A 577 28.39 -16.12 -5.17
C GLU A 577 27.58 -15.02 -4.48
N LEU A 578 26.69 -14.35 -5.22
CA LEU A 578 25.89 -13.26 -4.66
C LEU A 578 26.78 -12.10 -4.20
N ARG A 579 27.84 -11.83 -4.96
CA ARG A 579 28.75 -10.73 -4.66
C ARG A 579 28.58 -9.60 -5.67
N PRO A 580 28.40 -8.36 -5.22
CA PRO A 580 28.21 -7.23 -6.15
C PRO A 580 29.17 -7.25 -7.33
N LEU A 581 28.63 -7.42 -8.55
CA LEU A 581 29.43 -7.49 -9.77
C LEU A 581 29.04 -6.34 -10.67
N PRO A 582 29.79 -5.23 -10.68
CA PRO A 582 29.47 -4.12 -11.59
C PRO A 582 29.58 -4.53 -13.06
N VAL A 583 28.55 -4.16 -13.83
CA VAL A 583 28.55 -4.29 -15.28
C VAL A 583 27.94 -3.02 -15.87
N SER A 584 28.07 -2.89 -17.20
CA SER A 584 27.57 -1.73 -17.93
C SER A 584 26.30 -2.11 -18.69
N VAL A 585 25.31 -1.23 -18.65
CA VAL A 585 23.99 -1.51 -19.21
C VAL A 585 23.54 -0.38 -20.13
N ARG A 586 22.67 -0.74 -21.07
CA ARG A 586 22.04 0.18 -22.02
C ARG A 586 20.55 0.24 -21.67
N VAL A 587 20.17 1.23 -20.86
CA VAL A 587 18.80 1.36 -20.40
C VAL A 587 18.02 2.16 -21.44
N GLY A 588 17.14 1.48 -22.17
CA GLY A 588 16.23 2.13 -23.10
C GLY A 588 14.78 2.03 -22.67
N GLN A 589 13.87 2.11 -23.64
CA GLN A 589 12.45 1.98 -23.36
C GLN A 589 11.89 0.73 -24.04
N GLN A 607 21.49 4.89 -23.55
CA GLN A 607 22.52 5.50 -22.71
C GLN A 607 23.09 4.47 -21.76
N THR A 608 24.22 4.78 -21.14
CA THR A 608 24.95 3.82 -20.32
C THR A 608 25.20 4.37 -18.93
N HIS A 609 25.31 3.46 -17.96
CA HIS A 609 25.59 3.81 -16.58
C HIS A 609 26.27 2.62 -15.92
N THR A 610 26.93 2.88 -14.80
CA THR A 610 27.58 1.84 -14.01
C THR A 610 26.64 1.39 -12.89
N THR A 611 26.22 0.13 -12.94
CA THR A 611 25.17 -0.36 -12.00
C THR A 611 25.69 -0.32 -10.57
N PRO A 612 24.84 -0.36 -9.51
CA PRO A 612 23.39 -0.52 -9.61
C PRO A 612 22.69 0.75 -10.07
N VAL A 613 21.84 0.61 -11.08
CA VAL A 613 21.15 1.73 -11.70
C VAL A 613 19.65 1.61 -11.42
N LEU A 614 18.98 2.74 -11.53
CA LEU A 614 17.55 2.85 -11.24
C LEU A 614 16.77 2.82 -12.55
N LEU A 615 15.86 1.87 -12.68
CA LEU A 615 14.93 1.83 -13.78
C LEU A 615 13.65 2.59 -13.44
N ALA A 616 13.06 3.20 -14.45
CA ALA A 616 11.76 3.84 -14.34
C ALA A 616 10.66 2.91 -14.86
N HIS A 617 9.44 3.43 -14.87
CA HIS A 617 8.25 2.57 -14.94
C HIS A 617 8.30 1.65 -16.16
N GLY A 618 8.68 2.17 -17.31
CA GLY A 618 8.61 1.37 -18.53
C GLY A 618 9.90 1.15 -19.30
N GLU A 619 11.02 0.97 -18.61
CA GLU A 619 12.31 0.86 -19.28
C GLU A 619 12.79 -0.59 -19.25
N ARG A 620 13.57 -0.95 -20.27
CA ARG A 620 14.21 -2.26 -20.37
C ARG A 620 15.72 -2.07 -20.42
N ALA A 621 16.43 -2.73 -19.50
CA ALA A 621 17.87 -2.57 -19.39
C ALA A 621 18.59 -3.76 -20.02
N GLU A 622 19.63 -3.46 -20.79
CA GLU A 622 20.43 -4.46 -21.49
C GLU A 622 21.90 -4.20 -21.18
N LEU A 623 22.65 -5.25 -20.87
CA LEU A 623 24.09 -5.09 -20.66
C LEU A 623 24.80 -5.13 -22.01
N ALA A 624 25.63 -4.12 -22.25
CA ALA A 624 26.27 -3.91 -23.56
C ALA A 624 27.59 -4.65 -23.71
N THR A 625 27.70 -5.90 -23.31
CA THR A 625 28.78 -6.76 -23.79
C THR A 625 28.32 -8.21 -23.67
N GLU A 626 28.98 -9.07 -24.45
CA GLU A 626 28.67 -10.50 -24.45
C GLU A 626 29.50 -11.25 -23.42
N GLU A 627 30.23 -10.55 -22.56
CA GLU A 627 31.07 -11.21 -21.57
C GLU A 627 30.25 -12.07 -20.61
N PHE A 628 29.10 -11.56 -20.18
CA PHE A 628 28.28 -12.23 -19.17
C PHE A 628 26.95 -12.65 -19.78
N LEU A 629 26.35 -13.67 -19.19
CA LEU A 629 25.04 -14.15 -19.58
C LEU A 629 24.15 -14.19 -18.35
N PRO A 630 22.95 -13.59 -18.39
CA PRO A 630 22.09 -13.60 -17.21
C PRO A 630 21.30 -14.89 -17.11
N VAL A 631 21.07 -15.31 -15.86
CA VAL A 631 20.32 -16.53 -15.63
C VAL A 631 18.84 -16.31 -15.90
N THR A 632 18.32 -15.12 -15.58
CA THR A 632 16.95 -14.81 -15.96
C THR A 632 16.93 -13.95 -17.22
N PRO A 633 15.99 -14.20 -18.14
CA PRO A 633 15.89 -13.32 -19.33
C PRO A 633 15.49 -11.89 -19.00
N ILE A 634 14.96 -11.63 -17.81
CA ILE A 634 14.46 -10.31 -17.43
C ILE A 634 15.47 -9.69 -16.46
N LEU A 635 16.00 -8.53 -16.84
CA LEU A 635 16.97 -7.82 -16.02
C LEU A 635 16.25 -6.84 -15.09
N GLU A 636 15.47 -7.40 -14.18
CA GLU A 636 14.73 -6.63 -13.19
C GLU A 636 15.02 -7.17 -11.79
N GLY A 637 15.28 -6.26 -10.86
CA GLY A 637 15.58 -6.65 -9.50
C GLY A 637 16.99 -7.21 -9.36
N PHE A 638 17.09 -8.40 -8.80
CA PHE A 638 18.37 -9.06 -8.56
C PHE A 638 18.59 -10.14 -9.61
N VAL A 639 19.70 -10.08 -10.33
CA VAL A 639 20.02 -11.02 -11.39
C VAL A 639 21.41 -11.59 -11.14
N ILE A 640 21.53 -12.91 -11.25
CA ILE A 640 22.81 -13.60 -11.16
C ILE A 640 23.39 -13.73 -12.56
N LEU A 641 24.67 -13.40 -12.71
CA LEU A 641 25.34 -13.37 -14.00
C LEU A 641 26.43 -14.43 -14.04
N ARG A 642 26.43 -15.26 -15.09
CA ARG A 642 27.47 -16.25 -15.28
C ARG A 642 28.59 -15.69 -16.14
N LYS A 643 29.66 -16.47 -16.26
CA LYS A 643 30.80 -16.12 -17.08
C LYS A 643 30.54 -16.57 -18.52
N ASN A 644 31.51 -16.34 -19.40
CA ASN A 644 31.41 -16.77 -20.80
C ASN A 644 30.90 -18.21 -20.88
N SER B 1 -9.98 25.80 -14.94
CA SER B 1 -10.29 26.56 -13.70
C SER B 1 -10.97 27.89 -14.04
N ASP B 2 -10.19 28.97 -14.05
CA ASP B 2 -10.72 30.27 -14.49
C ASP B 2 -10.94 30.29 -16.00
N ILE B 3 -9.93 29.90 -16.76
CA ILE B 3 -9.97 29.93 -18.22
C ILE B 3 -10.46 31.30 -18.68
N SER B 27 -6.35 30.17 -22.96
CA SER B 27 -5.61 29.84 -21.75
C SER B 27 -5.94 28.44 -21.28
N GLN B 28 -4.97 27.77 -20.67
CA GLN B 28 -5.11 26.37 -20.25
C GLN B 28 -5.44 25.55 -21.50
N SER B 29 -6.27 24.52 -21.40
CA SER B 29 -6.51 23.62 -22.52
C SER B 29 -7.95 23.14 -22.47
N VAL B 30 -8.57 23.03 -23.65
CA VAL B 30 -9.90 22.45 -23.79
C VAL B 30 -9.82 21.39 -24.88
N SER B 31 -10.30 20.20 -24.57
CA SER B 31 -10.22 19.07 -25.50
C SER B 31 -11.34 19.20 -26.54
N SER B 32 -11.08 20.04 -27.53
CA SER B 32 -12.01 20.27 -28.64
C SER B 32 -13.39 20.71 -28.17
N ALA B 33 -13.49 21.25 -26.95
CA ALA B 33 -14.77 21.73 -26.42
C ALA B 33 -14.94 23.22 -26.70
N VAL B 34 -15.08 23.53 -27.99
CA VAL B 34 -15.24 24.92 -28.42
C VAL B 34 -16.41 25.02 -29.39
N GLN B 90 -16.96 30.30 -27.53
CA GLN B 90 -17.33 29.66 -26.27
C GLN B 90 -16.55 28.37 -26.04
N GLN B 91 -16.20 28.12 -24.78
CA GLN B 91 -15.72 26.82 -24.33
C GLN B 91 -16.74 26.22 -23.37
N TYR B 92 -16.94 24.91 -23.48
CA TYR B 92 -17.79 24.16 -22.56
C TYR B 92 -17.02 22.96 -22.02
N TYR B 93 -15.86 23.22 -21.42
CA TYR B 93 -14.97 22.15 -21.00
C TYR B 93 -15.69 21.18 -20.07
N SER B 94 -16.35 21.70 -19.04
CA SER B 94 -17.17 20.86 -18.18
C SER B 94 -18.36 21.67 -17.68
N TYR B 95 -19.26 20.97 -16.99
CA TYR B 95 -20.44 21.60 -16.41
C TYR B 95 -20.13 22.30 -15.10
N TYR B 96 -18.95 22.06 -14.51
CA TYR B 96 -18.58 22.58 -13.21
C TYR B 96 -17.63 23.75 -13.29
N TYR B 97 -17.32 24.22 -14.49
CA TYR B 97 -16.48 25.37 -14.75
C TYR B 97 -17.35 26.54 -15.23
N PRO B 98 -16.92 27.78 -15.03
CA PRO B 98 -17.67 28.90 -15.60
C PRO B 98 -17.74 28.79 -17.11
N VAL B 99 -18.89 29.16 -17.67
CA VAL B 99 -19.12 29.05 -19.10
C VAL B 99 -18.50 30.23 -19.83
N TYR C 34 -35.00 16.54 -18.69
CA TYR C 34 -33.77 15.79 -18.92
C TYR C 34 -32.72 16.66 -19.61
N TYR C 35 -33.11 17.90 -19.95
CA TYR C 35 -32.24 18.80 -20.68
C TYR C 35 -31.56 19.76 -19.71
N SER C 36 -31.22 20.97 -20.15
CA SER C 36 -30.71 21.99 -19.25
C SER C 36 -30.90 23.35 -19.89
N ILE C 37 -31.07 24.36 -19.03
CA ILE C 37 -31.51 25.69 -19.42
C ILE C 37 -30.53 26.69 -18.87
N HIS C 38 -30.05 27.60 -19.72
CA HIS C 38 -29.00 28.53 -19.35
C HIS C 38 -29.45 29.99 -19.47
N ALA C 52 -26.03 31.93 -15.05
CA ALA C 52 -26.34 30.79 -14.20
C ALA C 52 -26.86 29.63 -15.03
N SER C 53 -26.77 28.42 -14.48
CA SER C 53 -27.24 27.22 -15.16
C SER C 53 -27.93 26.31 -14.16
N ILE C 54 -28.87 25.51 -14.67
CA ILE C 54 -29.60 24.53 -13.87
C ILE C 54 -29.63 23.21 -14.62
N TYR C 55 -29.32 22.12 -13.93
CA TYR C 55 -29.39 20.77 -14.49
C TYR C 55 -30.35 19.92 -13.67
N PRO C 56 -31.62 19.79 -14.08
CA PRO C 56 -32.53 18.97 -13.28
C PRO C 56 -32.09 17.51 -13.20
N TYR C 57 -31.71 16.93 -14.34
CA TYR C 57 -31.31 15.53 -14.36
C TYR C 57 -30.10 15.25 -13.47
N TYR C 58 -29.44 16.28 -12.94
CA TYR C 58 -28.35 16.11 -11.99
C TYR C 58 -28.59 16.87 -10.69
N SER C 59 -29.74 17.53 -10.54
CA SER C 59 -30.07 18.27 -9.32
C SER C 59 -28.93 19.22 -8.93
N TYR C 60 -28.25 19.79 -9.93
CA TYR C 60 -27.10 20.64 -9.72
C TYR C 60 -27.43 22.06 -10.16
N THR C 61 -26.98 23.04 -9.39
CA THR C 61 -27.18 24.45 -9.69
C THR C 61 -25.84 25.17 -9.64
N SER C 62 -25.55 25.93 -10.68
CA SER C 62 -24.33 26.73 -10.72
C SER C 62 -24.64 28.18 -11.08
N ARG C 101 -30.01 26.33 -24.26
CA ARG C 101 -30.01 24.94 -23.82
C ARG C 101 -28.98 24.13 -24.60
N TYR C 102 -28.25 23.27 -23.90
CA TYR C 102 -27.25 22.45 -24.56
C TYR C 102 -27.89 21.48 -25.52
N GLN C 103 -27.27 21.30 -26.69
CA GLN C 103 -27.82 20.42 -27.70
C GLN C 103 -27.84 18.97 -27.21
N SER C 104 -26.76 18.52 -26.57
CA SER C 104 -26.63 17.17 -26.08
C SER C 104 -26.51 17.18 -24.57
N SER C 105 -27.29 16.34 -23.89
CA SER C 105 -27.17 16.23 -22.45
C SER C 105 -25.86 15.56 -22.04
N SER C 106 -25.40 14.58 -22.82
CA SER C 106 -24.22 13.83 -22.44
C SER C 106 -22.95 14.68 -22.53
N TYR C 107 -22.77 15.43 -23.63
CA TYR C 107 -21.55 16.20 -23.83
C TYR C 107 -21.79 17.70 -23.93
N GLY C 108 -23.04 18.17 -23.89
CA GLY C 108 -23.31 19.59 -23.99
C GLY C 108 -22.72 20.28 -25.20
N TYR C 109 -23.14 19.89 -26.40
CA TYR C 109 -22.52 20.37 -27.64
C TYR C 109 -22.97 21.80 -27.93
N GLY C 110 -22.52 22.72 -27.08
CA GLY C 110 -22.87 24.11 -27.23
C GLY C 110 -24.22 24.48 -26.63
N SER D 29 1.84 -19.42 27.07
CA SER D 29 1.91 -18.11 26.44
C SER D 29 2.36 -18.23 24.99
N VAL D 30 1.61 -17.61 24.08
CA VAL D 30 1.99 -17.56 22.67
C VAL D 30 2.79 -16.28 22.45
N SER D 31 3.35 -15.72 23.54
CA SER D 31 4.04 -14.43 23.46
C SER D 31 5.10 -14.40 24.57
N SER D 32 6.20 -15.09 24.32
CA SER D 32 7.22 -15.28 25.34
C SER D 32 8.54 -15.60 24.65
N ALA D 33 9.59 -15.69 25.46
CA ALA D 33 10.92 -16.05 24.98
C ALA D 33 11.57 -16.99 25.98
N VAL D 34 12.25 -18.01 25.48
CA VAL D 34 12.93 -18.98 26.34
C VAL D 34 14.43 -18.90 26.11
N TYR D 50 19.28 -17.83 23.44
CA TYR D 50 18.06 -17.02 23.45
C TYR D 50 17.15 -17.37 22.27
N SER D 51 15.87 -17.03 22.41
CA SER D 51 14.87 -17.27 21.38
C SER D 51 14.78 -18.74 21.03
N ALA D 52 15.02 -19.60 22.01
CA ALA D 52 14.89 -21.05 21.89
C ALA D 52 15.94 -21.72 21.00
N SER D 53 16.44 -21.02 19.96
CA SER D 53 17.39 -21.65 19.04
C SER D 53 18.54 -20.72 18.66
N SER D 54 18.98 -19.85 19.56
CA SER D 54 20.14 -18.99 19.25
C SER D 54 21.20 -19.08 20.34
N TYR D 92 10.81 -15.22 29.60
CA TYR D 92 10.59 -13.78 29.54
C TYR D 92 9.22 -13.48 28.96
N TYR D 93 8.53 -12.50 29.54
CA TYR D 93 7.20 -12.09 29.11
C TYR D 93 7.33 -10.72 28.44
N TYR D 94 7.08 -10.67 27.14
CA TYR D 94 7.38 -9.46 26.37
C TYR D 94 6.55 -8.28 26.86
N SER D 95 5.25 -8.49 27.07
CA SER D 95 4.37 -7.39 27.43
C SER D 95 4.62 -6.94 28.86
N SER D 96 4.53 -7.87 29.82
CA SER D 96 4.76 -7.52 31.22
C SER D 96 6.23 -7.25 31.50
N SER D 97 7.13 -8.04 30.92
CA SER D 97 8.57 -8.01 31.19
C SER D 97 8.90 -8.70 32.50
N LEU D 98 8.04 -9.59 32.98
CA LEU D 98 8.27 -10.32 34.22
C LEU D 98 9.36 -11.35 34.03
N SER E 33 21.21 5.19 28.17
CA SER E 33 19.77 5.43 28.06
C SER E 33 19.21 4.70 26.84
N SER E 34 19.89 3.65 26.40
CA SER E 34 19.44 2.85 25.27
C SER E 34 19.11 1.41 25.65
N TYR E 35 19.31 1.02 26.91
CA TYR E 35 19.05 -0.33 27.38
C TYR E 35 18.27 -0.28 28.68
N SER E 36 17.78 -1.44 29.09
CA SER E 36 17.02 -1.60 30.32
C SER E 36 17.75 -2.58 31.24
N MET E 37 17.65 -2.32 32.54
CA MET E 37 18.32 -3.12 33.56
C MET E 37 17.30 -4.01 34.27
N HIS E 38 17.81 -5.11 34.82
CA HIS E 38 16.98 -6.06 35.57
C HIS E 38 17.50 -6.22 36.99
N TYR E 53 12.54 -4.88 37.44
CA TYR E 53 12.86 -4.36 36.12
C TYR E 53 12.69 -2.85 36.10
N ILE E 54 13.57 -2.15 35.39
CA ILE E 54 13.51 -0.69 35.27
C ILE E 54 13.86 -0.31 33.84
N TYR E 55 13.04 0.56 33.23
CA TYR E 55 13.37 1.20 31.96
C TYR E 55 13.49 2.70 32.22
N PRO E 56 14.70 3.25 32.37
CA PRO E 56 14.84 4.66 32.80
C PRO E 56 14.41 5.74 31.81
N TYR E 57 14.16 5.47 30.53
CA TYR E 57 13.66 6.53 29.67
C TYR E 57 12.17 6.77 29.91
N SER E 58 11.35 5.75 29.73
CA SER E 58 9.92 5.86 29.99
C SER E 58 9.59 5.92 31.48
N SER E 59 10.54 5.54 32.34
CA SER E 59 10.27 5.36 33.77
C SER E 59 9.21 4.29 34.01
N TYR E 60 9.33 3.18 33.30
CA TYR E 60 8.45 2.04 33.47
C TYR E 60 9.10 1.06 34.43
N THR E 61 8.35 0.66 35.46
CA THR E 61 8.86 -0.18 36.53
C THR E 61 7.95 -1.37 36.73
N TYR E 62 8.52 -2.46 37.22
CA TYR E 62 7.75 -3.67 37.51
C TYR E 62 8.41 -4.48 38.62
N LYS E 102 19.23 -5.76 29.73
CA LYS E 102 18.40 -6.51 28.80
C LYS E 102 19.13 -6.56 27.46
N TYR E 103 18.96 -7.65 26.72
CA TYR E 103 19.64 -7.81 25.42
C TYR E 103 18.86 -7.08 24.33
N GLN E 104 18.94 -5.75 24.39
CA GLN E 104 18.25 -4.84 23.47
C GLN E 104 16.76 -5.14 23.56
N TRP E 105 16.11 -5.57 22.48
CA TRP E 105 14.66 -5.80 22.48
C TRP E 105 14.29 -7.25 22.74
N ARG E 106 15.27 -8.12 22.93
CA ARG E 106 15.02 -9.54 23.13
C ARG E 106 14.88 -9.88 24.60
N GLY E 107 14.13 -10.95 24.88
CA GLY E 107 13.98 -11.41 26.25
C GLY E 107 15.09 -12.37 26.63
N ALA E 108 16.14 -11.83 27.25
CA ALA E 108 17.28 -12.64 27.65
C ALA E 108 18.21 -11.85 28.55
#